data_7R8U
#
_entry.id   7R8U
#
_cell.length_a   71.908
_cell.length_b   89.901
_cell.length_c   110.925
_cell.angle_alpha   90.000
_cell.angle_beta   90.000
_cell.angle_gamma   90.000
#
_symmetry.space_group_name_H-M   'P 21 21 21'
#
loop_
_entity.id
_entity.type
_entity.pdbx_description
1 polymer 'Oxidized low-density lipoprotein receptor 1'
2 polymer 'Antigen binding fragment, Vh and Ch1'
3 polymer 'Antibody light chain, kappa'
4 non-polymer GLYCEROL
5 water water
#
loop_
_entity_poly.entity_id
_entity_poly.type
_entity_poly.pdbx_seq_one_letter_code
_entity_poly.pdbx_strand_id
1 'polypeptide(L)'
;CSAPCPQDWIWHGENCYLFSSGSFNWEKSQEKCLSLDAKLLKINSTADLDFIQQAISYSSFPFWMGLSRRNPSYPWLWED
GSPLMPHLFRVRGAVSQTYPSGTCAYIQRGAVYAENCILAAFSICQKKANLR
;
AAA,BBB
2 'polypeptide(L)'
;QVQLVQSGAEVKKPGASVKVSCKVSGYTLTELSMHWVRQAPGKGLEWMGGFDPEDFKYHTHQKFQGRVTMTEDTSTDTAY
MELSSLRSEDTAVYYCALVWGTQGKGVRGWDYYYGMDVWGQGTTVTVSSASTKGPSVFPLAPSS(UNK)(UNK)(UNK)
(UNK)(UNK)GTAALGCLVKDYFPEPVTVSWNSGALTSGVHTFPAVLQSSGLYSLSSVVTVPSSSLGTQTYICNVNHKPS
NTKVDKRVEPK
;
HHH
3 'polypeptide(L)'
;QSVVTQPPSVSGAPGQRVTISCTGSSSNIGAGYDVHWYQQLPGTAPKLLIYGNSNRPSGVPDRFSGSKSGTSASLAITGL
QAEDEADYYCQSYDSSLSGWVFGGGTKLTVLGQPKAAPSVTLFPPSSEELQANKATLVCLISDFYPGAVTVAWKADSSPV
KAGVETTTPSKQSNNKYAASSYLSLTPEQWKSHRSYSCQVTHEGSTVEKTVAPTEC
;
LLL
#
loop_
_chem_comp.id
_chem_comp.type
_chem_comp.name
_chem_comp.formula
GOL non-polymer GLYCEROL 'C3 H8 O3'
#
# COMPACT_ATOMS: atom_id res chain seq x y z
N CYS A 1 -38.29 9.03 -36.99
CA CYS A 1 -37.93 8.82 -35.55
C CYS A 1 -36.41 8.86 -35.38
N SER A 2 -35.90 9.89 -34.71
CA SER A 2 -34.46 10.02 -34.39
C SER A 2 -34.25 9.98 -32.87
N ALA A 3 -33.12 9.39 -32.48
CA ALA A 3 -32.78 9.10 -31.08
C ALA A 3 -32.36 10.39 -30.42
N PRO A 4 -32.59 10.57 -29.10
CA PRO A 4 -32.09 11.77 -28.42
C PRO A 4 -30.57 11.95 -28.55
N CYS A 5 -29.84 10.85 -28.47
CA CYS A 5 -28.36 10.86 -28.42
C CYS A 5 -27.80 9.78 -29.35
N PRO A 6 -26.61 10.01 -29.92
CA PRO A 6 -25.92 8.99 -30.69
C PRO A 6 -25.50 7.81 -29.79
N GLN A 7 -25.21 6.69 -30.44
CA GLN A 7 -24.67 5.49 -29.78
C GLN A 7 -23.42 5.92 -29.03
N ASP A 8 -23.23 5.34 -27.84
CA ASP A 8 -21.98 5.42 -27.03
C ASP A 8 -21.94 6.73 -26.23
N TRP A 9 -22.94 7.61 -26.38
CA TRP A 9 -23.15 8.77 -25.48
C TRP A 9 -24.10 8.39 -24.32
N ILE A 10 -24.12 9.22 -23.29
CA ILE A 10 -25.15 9.08 -22.21
C ILE A 10 -26.15 10.20 -22.37
N TRP A 11 -27.41 9.85 -22.50
CA TRP A 11 -28.55 10.79 -22.47
C TRP A 11 -28.91 11.13 -21.04
N HIS A 12 -28.83 12.41 -20.69
CA HIS A 12 -29.29 12.90 -19.38
C HIS A 12 -29.98 14.26 -19.58
N GLY A 13 -31.27 14.30 -19.30
CA GLY A 13 -32.07 15.54 -19.40
C GLY A 13 -32.11 16.02 -20.82
N GLU A 14 -31.65 17.24 -21.09
CA GLU A 14 -31.78 17.84 -22.44
C GLU A 14 -30.48 17.63 -23.22
N ASN A 15 -29.52 16.90 -22.65
CA ASN A 15 -28.14 16.83 -23.21
C ASN A 15 -27.66 15.39 -23.39
N CYS A 16 -26.59 15.27 -24.19
CA CYS A 16 -25.84 14.03 -24.45
C CYS A 16 -24.42 14.27 -23.94
N TYR A 17 -23.82 13.29 -23.26
CA TYR A 17 -22.45 13.41 -22.72
C TYR A 17 -21.56 12.32 -23.28
N LEU A 18 -20.28 12.67 -23.50
CA LEU A 18 -19.26 11.72 -23.99
C LEU A 18 -17.94 12.04 -23.30
N PHE A 19 -17.27 11.02 -22.78
CA PHE A 19 -15.90 11.10 -22.25
C PHE A 19 -14.96 11.04 -23.45
N SER A 20 -13.91 11.87 -23.46
CA SER A 20 -12.79 11.75 -24.43
C SER A 20 -12.18 10.34 -24.38
N SER A 21 -11.48 9.97 -25.45
CA SER A 21 -10.78 8.68 -25.57
C SER A 21 -9.36 8.81 -25.02
N GLY A 22 -8.83 10.02 -24.92
CA GLY A 22 -7.46 10.25 -24.40
C GLY A 22 -7.34 11.47 -23.50
N SER A 23 -6.11 11.72 -23.09
CA SER A 23 -5.67 12.87 -22.29
C SER A 23 -5.03 13.92 -23.22
N PHE A 24 -5.59 15.11 -23.30
CA PHE A 24 -5.09 16.21 -24.17
C PHE A 24 -5.16 17.53 -23.44
N ASN A 25 -4.41 18.51 -23.92
CA ASN A 25 -4.49 19.89 -23.40
C ASN A 25 -5.91 20.43 -23.66
N TRP A 26 -6.26 21.55 -23.02
CA TRP A 26 -7.65 22.06 -23.02
C TRP A 26 -8.07 22.50 -24.43
N GLU A 27 -7.16 23.13 -25.18
CA GLU A 27 -7.47 23.63 -26.54
C GLU A 27 -7.79 22.43 -27.42
N LYS A 28 -6.95 21.39 -27.39
N LYS A 28 -6.94 21.39 -27.39
CA LYS A 28 -7.16 20.19 -28.24
CA LYS A 28 -7.15 20.17 -28.23
C LYS A 28 -8.45 19.48 -27.78
C LYS A 28 -8.45 19.48 -27.78
N SER A 29 -8.71 19.43 -26.46
CA SER A 29 -9.98 18.88 -25.88
C SER A 29 -11.18 19.63 -26.47
N GLN A 30 -11.10 20.95 -26.53
CA GLN A 30 -12.16 21.85 -27.09
CA GLN A 30 -12.16 21.85 -27.09
C GLN A 30 -12.37 21.50 -28.57
N GLU A 31 -11.28 21.35 -29.33
CA GLU A 31 -11.36 21.09 -30.80
C GLU A 31 -12.05 19.74 -31.00
N LYS A 32 -11.71 18.73 -30.18
CA LYS A 32 -12.29 17.38 -30.35
C LYS A 32 -13.78 17.46 -30.04
N CYS A 33 -14.22 18.16 -29.01
CA CYS A 33 -15.69 18.29 -28.77
C CYS A 33 -16.38 18.94 -29.97
N LEU A 34 -15.80 20.01 -30.50
CA LEU A 34 -16.38 20.76 -31.63
C LEU A 34 -16.52 19.81 -32.84
N SER A 35 -15.53 18.98 -33.12
CA SER A 35 -15.58 18.02 -34.25
C SER A 35 -16.69 16.99 -34.03
N LEU A 36 -17.18 16.80 -32.78
CA LEU A 36 -18.34 15.90 -32.54
C LEU A 36 -19.63 16.73 -32.49
N ASP A 37 -19.64 17.95 -33.02
CA ASP A 37 -20.80 18.88 -32.93
C ASP A 37 -21.20 19.06 -31.46
N ALA A 38 -20.20 19.16 -30.58
CA ALA A 38 -20.41 19.29 -29.13
C ALA A 38 -19.55 20.44 -28.60
N LYS A 39 -19.55 20.60 -27.29
CA LYS A 39 -18.69 21.56 -26.58
C LYS A 39 -18.17 20.92 -25.28
N LEU A 40 -17.17 21.50 -24.65
CA LEU A 40 -16.72 20.99 -23.33
C LEU A 40 -17.86 21.18 -22.33
N LEU A 41 -17.95 20.28 -21.38
CA LEU A 41 -18.99 20.30 -20.31
C LEU A 41 -19.19 21.73 -19.79
N LYS A 42 -20.45 22.15 -19.73
CA LYS A 42 -20.88 23.37 -19.05
C LYS A 42 -21.85 22.99 -17.93
N ILE A 43 -21.47 23.27 -16.70
CA ILE A 43 -22.32 23.02 -15.50
C ILE A 43 -23.14 24.27 -15.17
N ASN A 44 -24.46 24.24 -15.39
CA ASN A 44 -25.36 25.42 -15.19
C ASN A 44 -26.30 25.14 -14.01
N SER A 45 -26.30 23.95 -13.43
CA SER A 45 -27.16 23.62 -12.26
C SER A 45 -26.48 22.60 -11.35
N THR A 46 -26.94 22.53 -10.10
N THR A 46 -26.95 22.52 -10.10
CA THR A 46 -26.55 21.48 -9.14
CA THR A 46 -26.56 21.47 -9.14
C THR A 46 -26.99 20.11 -9.69
C THR A 46 -27.00 20.10 -9.68
N ALA A 47 -28.11 20.02 -10.43
CA ALA A 47 -28.56 18.75 -11.07
C ALA A 47 -27.53 18.29 -12.11
N ASP A 48 -26.96 19.21 -12.88
CA ASP A 48 -25.89 18.93 -13.87
C ASP A 48 -24.68 18.35 -13.09
N LEU A 49 -24.28 19.03 -12.02
CA LEU A 49 -23.12 18.64 -11.19
C LEU A 49 -23.36 17.24 -10.62
N ASP A 50 -24.53 16.97 -10.04
CA ASP A 50 -24.85 15.67 -9.40
C ASP A 50 -24.68 14.56 -10.45
N PHE A 51 -25.28 14.77 -11.64
CA PHE A 51 -25.21 13.79 -12.75
C PHE A 51 -23.73 13.53 -13.08
N ILE A 52 -22.94 14.57 -13.29
CA ILE A 52 -21.52 14.38 -13.72
C ILE A 52 -20.73 13.69 -12.62
N GLN A 53 -20.92 14.09 -11.36
CA GLN A 53 -20.21 13.47 -10.21
C GLN A 53 -20.53 11.96 -10.18
N GLN A 54 -21.79 11.56 -10.43
N GLN A 54 -21.78 11.57 -10.42
CA GLN A 54 -22.14 10.12 -10.46
CA GLN A 54 -22.21 10.15 -10.49
C GLN A 54 -21.49 9.47 -11.69
C GLN A 54 -21.50 9.48 -11.69
N ALA A 55 -21.49 10.15 -12.85
CA ALA A 55 -21.00 9.59 -14.13
C ALA A 55 -19.49 9.30 -14.01
N ILE A 56 -18.74 10.17 -13.36
CA ILE A 56 -17.26 10.02 -13.18
C ILE A 56 -16.91 9.30 -11.87
N SER A 57 -17.87 8.92 -11.02
CA SER A 57 -17.59 8.30 -9.70
C SER A 57 -16.81 7.00 -9.88
N TYR A 58 -16.84 6.36 -11.05
CA TYR A 58 -16.11 5.09 -11.27
C TYR A 58 -14.64 5.37 -11.60
N SER A 59 -14.28 6.65 -11.84
CA SER A 59 -12.98 7.01 -12.44
C SER A 59 -12.21 7.94 -11.53
N SER A 60 -10.88 7.79 -11.47
N SER A 60 -10.89 7.76 -11.49
CA SER A 60 -10.03 8.72 -10.69
CA SER A 60 -9.95 8.63 -10.73
C SER A 60 -9.36 9.71 -11.67
C SER A 60 -9.36 9.69 -11.68
N PHE A 61 -9.76 9.68 -12.95
CA PHE A 61 -9.15 10.54 -14.00
C PHE A 61 -9.54 12.00 -13.77
N PRO A 62 -8.69 12.97 -14.12
CA PRO A 62 -9.11 14.36 -14.30
C PRO A 62 -9.85 14.56 -15.64
N PHE A 63 -10.99 15.25 -15.63
CA PHE A 63 -11.79 15.55 -16.84
C PHE A 63 -11.95 17.07 -16.99
N TRP A 64 -11.34 17.67 -18.00
CA TRP A 64 -11.56 19.12 -18.35
C TRP A 64 -13.06 19.35 -18.56
N MET A 65 -13.55 20.47 -18.06
CA MET A 65 -14.85 21.10 -18.45
C MET A 65 -14.54 22.42 -19.19
N GLY A 66 -15.57 23.10 -19.68
CA GLY A 66 -15.41 24.27 -20.58
C GLY A 66 -15.10 25.58 -19.87
N LEU A 67 -14.51 25.55 -18.68
CA LEU A 67 -14.31 26.74 -17.82
C LEU A 67 -12.85 27.15 -17.87
N SER A 68 -12.61 28.46 -18.06
CA SER A 68 -11.23 29.00 -18.19
C SER A 68 -11.23 30.48 -17.81
N ARG A 69 -10.03 30.98 -17.53
CA ARG A 69 -9.80 32.40 -17.24
C ARG A 69 -8.34 32.69 -17.55
N ARG A 70 -8.07 33.85 -18.15
CA ARG A 70 -6.70 34.20 -18.61
C ARG A 70 -5.75 34.24 -17.41
N ASN A 71 -6.18 34.73 -16.24
CA ASN A 71 -5.31 34.87 -15.05
C ASN A 71 -6.22 35.06 -13.84
N PRO A 72 -5.68 34.95 -12.60
CA PRO A 72 -6.50 34.98 -11.39
C PRO A 72 -7.43 36.17 -11.18
N SER A 73 -7.08 37.32 -11.76
CA SER A 73 -7.88 38.57 -11.61
C SER A 73 -9.10 38.50 -12.53
N TYR A 74 -9.08 37.63 -13.56
CA TYR A 74 -10.21 37.53 -14.50
C TYR A 74 -11.29 36.62 -13.92
N PRO A 75 -12.55 36.76 -14.36
CA PRO A 75 -13.63 35.91 -13.89
C PRO A 75 -13.57 34.58 -14.66
N TRP A 76 -14.07 33.51 -14.06
CA TRP A 76 -14.22 32.22 -14.76
C TRP A 76 -15.35 32.38 -15.77
N LEU A 77 -15.14 31.91 -16.98
CA LEU A 77 -16.12 31.93 -18.11
C LEU A 77 -16.17 30.55 -18.75
N TRP A 78 -17.35 30.14 -19.19
CA TRP A 78 -17.55 28.95 -20.04
C TRP A 78 -17.12 29.31 -21.46
N GLU A 79 -17.07 28.34 -22.36
CA GLU A 79 -16.57 28.53 -23.75
C GLU A 79 -17.44 29.56 -24.48
N ASP A 80 -18.72 29.67 -24.12
CA ASP A 80 -19.71 30.56 -24.78
C ASP A 80 -19.63 31.99 -24.20
N GLY A 81 -18.68 32.27 -23.29
CA GLY A 81 -18.50 33.59 -22.64
C GLY A 81 -19.43 33.81 -21.47
N SER A 82 -20.33 32.88 -21.15
CA SER A 82 -21.25 33.01 -19.97
C SER A 82 -20.43 32.81 -18.70
N PRO A 83 -20.78 33.47 -17.57
CA PRO A 83 -20.01 33.32 -16.34
C PRO A 83 -20.32 32.04 -15.55
N LEU A 84 -19.43 31.70 -14.63
CA LEU A 84 -19.66 30.63 -13.63
C LEU A 84 -20.73 31.10 -12.63
N MET A 85 -21.80 30.34 -12.46
N MET A 85 -21.81 30.34 -12.48
CA MET A 85 -22.74 30.56 -11.33
CA MET A 85 -22.73 30.57 -11.33
C MET A 85 -21.97 30.24 -10.06
C MET A 85 -21.97 30.23 -10.05
N PRO A 86 -21.85 31.19 -9.09
CA PRO A 86 -20.91 31.03 -7.99
C PRO A 86 -21.31 29.94 -6.99
N HIS A 87 -22.59 29.57 -6.91
CA HIS A 87 -23.11 28.66 -5.86
C HIS A 87 -22.74 27.18 -6.12
N LEU A 88 -22.17 26.81 -7.26
CA LEU A 88 -22.16 25.41 -7.76
C LEU A 88 -20.99 24.63 -7.14
N PHE A 89 -19.79 25.20 -7.13
CA PHE A 89 -18.59 24.49 -6.62
C PHE A 89 -17.51 25.50 -6.26
N ARG A 90 -16.64 25.11 -5.34
CA ARG A 90 -15.37 25.83 -5.07
C ARG A 90 -14.31 25.21 -5.96
N VAL A 91 -13.44 26.06 -6.46
CA VAL A 91 -12.32 25.66 -7.34
C VAL A 91 -11.09 25.54 -6.43
N ARG A 92 -10.43 24.38 -6.42
CA ARG A 92 -9.16 24.09 -5.71
C ARG A 92 -8.01 24.10 -6.73
N GLY A 93 -6.82 23.63 -6.35
CA GLY A 93 -5.69 23.52 -7.28
C GLY A 93 -4.94 24.85 -7.37
N ALA A 94 -4.45 25.21 -8.56
CA ALA A 94 -3.54 26.35 -8.82
C ALA A 94 -4.39 27.61 -9.04
N VAL A 95 -5.05 28.08 -8.00
CA VAL A 95 -6.03 29.20 -8.07
C VAL A 95 -5.30 30.54 -8.04
N SER A 96 -4.04 30.58 -7.58
CA SER A 96 -3.25 31.84 -7.38
C SER A 96 -2.20 32.00 -8.51
N GLN A 97 -1.94 30.94 -9.28
CA GLN A 97 -0.89 30.88 -10.33
C GLN A 97 -1.38 31.58 -11.60
N THR A 98 -0.43 32.04 -12.43
CA THR A 98 -0.66 32.65 -13.76
C THR A 98 0.14 31.83 -14.76
N TYR A 99 -0.49 31.38 -15.86
CA TYR A 99 0.17 30.56 -16.90
C TYR A 99 0.03 31.26 -18.25
N PRO A 100 1.05 31.14 -19.13
CA PRO A 100 1.02 31.76 -20.45
C PRO A 100 -0.24 31.49 -21.28
N SER A 101 -0.79 30.28 -21.22
CA SER A 101 -1.98 29.88 -22.03
C SER A 101 -3.25 29.95 -21.17
N GLY A 102 -3.16 30.49 -19.97
CA GLY A 102 -4.28 30.65 -19.04
C GLY A 102 -4.46 29.46 -18.12
N THR A 103 -5.49 29.57 -17.28
CA THR A 103 -5.96 28.59 -16.29
C THR A 103 -7.32 28.03 -16.75
N CYS A 104 -7.46 26.71 -16.66
CA CYS A 104 -8.64 25.92 -17.06
C CYS A 104 -9.06 25.04 -15.88
N ALA A 105 -10.31 24.61 -15.84
CA ALA A 105 -10.85 23.81 -14.71
C ALA A 105 -11.15 22.38 -15.16
N TYR A 106 -10.76 21.39 -14.35
CA TYR A 106 -11.17 19.96 -14.53
C TYR A 106 -11.89 19.48 -13.27
N ILE A 107 -12.69 18.43 -13.42
CA ILE A 107 -13.34 17.71 -12.28
C ILE A 107 -12.65 16.36 -12.09
N GLN A 108 -12.39 16.00 -10.85
CA GLN A 108 -11.67 14.79 -10.43
C GLN A 108 -12.19 14.43 -9.03
N ARG A 109 -12.66 13.21 -8.84
CA ARG A 109 -13.23 12.74 -7.56
C ARG A 109 -14.40 13.65 -7.22
N GLY A 110 -15.10 14.15 -8.23
CA GLY A 110 -16.28 15.02 -8.01
C GLY A 110 -15.90 16.44 -7.61
N ALA A 111 -14.61 16.80 -7.51
CA ALA A 111 -14.20 18.15 -7.03
C ALA A 111 -13.54 18.90 -8.20
N VAL A 112 -13.48 20.25 -8.13
CA VAL A 112 -13.04 21.09 -9.28
C VAL A 112 -11.72 21.76 -9.00
N TYR A 113 -10.79 21.62 -9.94
CA TYR A 113 -9.38 22.04 -9.84
C TYR A 113 -9.05 22.97 -11.01
N ALA A 114 -8.33 24.02 -10.67
CA ALA A 114 -7.74 24.96 -11.63
C ALA A 114 -6.33 24.49 -11.93
N GLU A 115 -5.94 24.50 -13.21
CA GLU A 115 -4.58 24.15 -13.64
C GLU A 115 -4.25 24.78 -14.99
N ASN A 116 -2.97 24.69 -15.34
CA ASN A 116 -2.37 25.23 -16.58
C ASN A 116 -3.09 24.59 -17.77
N CYS A 117 -3.66 25.39 -18.67
CA CYS A 117 -4.42 24.96 -19.88
C CYS A 117 -3.58 24.12 -20.85
N ILE A 118 -2.23 24.15 -20.80
CA ILE A 118 -1.39 23.40 -21.77
CA ILE A 118 -1.37 23.41 -21.76
C ILE A 118 -1.15 21.97 -21.27
N LEU A 119 -1.50 21.67 -20.03
CA LEU A 119 -1.31 20.31 -19.46
C LEU A 119 -2.50 19.44 -19.90
N ALA A 120 -2.32 18.14 -19.91
CA ALA A 120 -3.23 17.17 -20.56
C ALA A 120 -4.11 16.56 -19.47
N ALA A 121 -5.39 16.41 -19.77
CA ALA A 121 -6.38 15.66 -18.97
C ALA A 121 -7.36 14.99 -19.92
N PHE A 122 -8.15 14.06 -19.42
CA PHE A 122 -9.36 13.61 -20.14
C PHE A 122 -10.30 14.81 -20.20
N SER A 123 -11.42 14.65 -20.88
CA SER A 123 -12.43 15.71 -20.97
C SER A 123 -13.81 15.09 -21.12
N ILE A 124 -14.81 15.93 -20.91
CA ILE A 124 -16.23 15.60 -21.14
C ILE A 124 -16.83 16.56 -22.16
N CYS A 125 -17.45 15.99 -23.19
CA CYS A 125 -18.14 16.77 -24.25
C CYS A 125 -19.64 16.65 -24.00
N GLN A 126 -20.37 17.71 -24.29
CA GLN A 126 -21.85 17.63 -24.26
C GLN A 126 -22.44 18.35 -25.48
N LYS A 127 -23.65 17.95 -25.82
CA LYS A 127 -24.45 18.58 -26.89
C LYS A 127 -25.90 18.32 -26.59
N LYS A 128 -26.78 19.13 -27.20
CA LYS A 128 -28.24 19.09 -27.01
C LYS A 128 -28.71 17.72 -27.49
N ALA A 129 -29.58 17.10 -26.71
CA ALA A 129 -30.29 15.89 -27.15
C ALA A 129 -31.33 16.31 -28.19
N ASN A 130 -31.64 15.43 -29.14
CA ASN A 130 -32.68 15.66 -30.18
C ASN A 130 -34.02 15.28 -29.55
N LEU A 131 -34.81 16.26 -29.13
CA LEU A 131 -36.13 16.03 -28.48
C LEU A 131 -37.25 16.71 -29.29
N ARG A 132 -37.04 17.09 -30.55
CA ARG A 132 -38.07 17.83 -31.37
C ARG A 132 -39.46 17.19 -31.19
N CYS B 1 -43.30 7.69 -31.38
CA CYS B 1 -41.82 7.86 -31.47
C CYS B 1 -41.19 7.71 -30.09
N SER B 2 -40.41 6.65 -29.87
CA SER B 2 -39.74 6.36 -28.58
C SER B 2 -38.21 6.27 -28.77
N ALA B 3 -37.47 6.56 -27.73
CA ALA B 3 -35.99 6.56 -27.72
C ALA B 3 -35.52 5.12 -27.64
N PRO B 4 -34.41 4.75 -28.29
CA PRO B 4 -33.88 3.39 -28.18
C PRO B 4 -33.65 2.96 -26.72
N CYS B 5 -33.18 3.89 -25.89
CA CYS B 5 -32.73 3.60 -24.51
C CYS B 5 -33.19 4.69 -23.57
N PRO B 6 -33.49 4.36 -22.31
CA PRO B 6 -33.83 5.37 -21.31
C PRO B 6 -32.66 6.30 -20.97
N GLN B 7 -32.98 7.43 -20.33
CA GLN B 7 -31.98 8.36 -19.78
C GLN B 7 -31.06 7.56 -18.87
N ASP B 8 -29.79 7.92 -18.89
CA ASP B 8 -28.72 7.41 -17.98
C ASP B 8 -28.22 6.03 -18.45
N TRP B 9 -28.77 5.51 -19.54
CA TRP B 9 -28.21 4.33 -20.24
C TRP B 9 -27.34 4.78 -21.41
N ILE B 10 -26.54 3.86 -21.92
CA ILE B 10 -25.72 4.05 -23.14
C ILE B 10 -26.33 3.14 -24.19
N TRP B 11 -26.74 3.72 -25.30
CA TRP B 11 -27.17 2.96 -26.49
C TRP B 11 -25.94 2.49 -27.29
N HIS B 12 -25.82 1.20 -27.52
CA HIS B 12 -24.75 0.64 -28.40
C HIS B 12 -25.32 -0.55 -29.16
N GLY B 13 -25.34 -0.46 -30.49
CA GLY B 13 -25.92 -1.45 -31.41
C GLY B 13 -27.37 -1.73 -31.07
N GLU B 14 -27.71 -2.98 -30.74
CA GLU B 14 -29.11 -3.41 -30.52
C GLU B 14 -29.48 -3.30 -29.04
N ASN B 15 -28.57 -2.84 -28.19
CA ASN B 15 -28.74 -2.92 -26.73
C ASN B 15 -28.57 -1.57 -26.05
N CYS B 16 -29.05 -1.55 -24.81
CA CYS B 16 -28.87 -0.48 -23.82
C CYS B 16 -28.01 -1.03 -22.68
N TYR B 17 -27.06 -0.23 -22.19
CA TYR B 17 -26.14 -0.62 -21.09
C TYR B 17 -26.27 0.37 -19.95
N LEU B 18 -26.25 -0.13 -18.71
CA LEU B 18 -26.27 0.73 -17.50
C LEU B 18 -25.20 0.23 -16.55
N PHE B 19 -24.46 1.18 -15.96
CA PHE B 19 -23.49 0.90 -14.88
C PHE B 19 -24.25 1.04 -13.56
N SER B 20 -24.21 0.05 -12.70
CA SER B 20 -24.99 0.04 -11.43
C SER B 20 -24.52 1.22 -10.58
N SER B 21 -25.40 1.73 -9.72
CA SER B 21 -25.08 2.86 -8.81
C SER B 21 -24.48 2.29 -7.53
N GLY B 22 -24.78 1.02 -7.23
CA GLY B 22 -24.30 0.35 -6.00
C GLY B 22 -23.42 -0.85 -6.28
N SER B 23 -22.65 -1.21 -5.27
CA SER B 23 -21.75 -2.36 -5.26
C SER B 23 -22.42 -3.46 -4.43
N PHE B 24 -22.77 -4.58 -5.05
CA PHE B 24 -23.51 -5.68 -4.38
C PHE B 24 -22.97 -7.02 -4.85
N ASN B 25 -23.31 -8.09 -4.12
CA ASN B 25 -23.01 -9.48 -4.53
C ASN B 25 -23.72 -9.73 -5.88
N TRP B 26 -23.37 -10.84 -6.52
CA TRP B 26 -23.77 -11.10 -7.92
C TRP B 26 -25.28 -11.33 -8.00
N GLU B 27 -25.85 -12.05 -7.03
N GLU B 27 -25.85 -12.10 -7.07
CA GLU B 27 -27.29 -12.40 -7.07
CA GLU B 27 -27.32 -12.40 -7.05
C GLU B 27 -28.09 -11.08 -6.93
C GLU B 27 -28.11 -11.09 -6.90
N LYS B 28 -27.70 -10.23 -5.98
CA LYS B 28 -28.40 -8.94 -5.76
C LYS B 28 -28.19 -8.04 -6.99
N SER B 29 -27.01 -8.05 -7.60
CA SER B 29 -26.71 -7.33 -8.86
C SER B 29 -27.68 -7.78 -9.96
N GLN B 30 -27.88 -9.09 -10.07
CA GLN B 30 -28.80 -9.69 -11.06
C GLN B 30 -30.24 -9.21 -10.79
N GLU B 31 -30.68 -9.22 -9.53
CA GLU B 31 -32.05 -8.77 -9.18
CA GLU B 31 -31.99 -8.73 -9.05
C GLU B 31 -32.20 -7.28 -9.52
N LYS B 32 -31.19 -6.44 -9.30
CA LYS B 32 -31.28 -4.99 -9.66
C LYS B 32 -31.42 -4.86 -11.18
N CYS B 33 -30.64 -5.60 -11.97
CA CYS B 33 -30.83 -5.58 -13.45
C CYS B 33 -32.28 -5.98 -13.82
N LEU B 34 -32.77 -7.07 -13.21
CA LEU B 34 -34.13 -7.61 -13.52
C LEU B 34 -35.17 -6.53 -13.22
N SER B 35 -35.03 -5.78 -12.12
CA SER B 35 -35.99 -4.72 -11.75
C SER B 35 -36.01 -3.61 -12.81
N LEU B 36 -34.96 -3.47 -13.63
CA LEU B 36 -34.94 -2.48 -14.74
C LEU B 36 -35.23 -3.18 -16.07
N ASP B 37 -35.92 -4.32 -16.03
CA ASP B 37 -36.27 -5.16 -17.22
C ASP B 37 -35.03 -5.44 -18.03
N ALA B 38 -33.96 -5.79 -17.33
CA ALA B 38 -32.62 -5.99 -17.92
C ALA B 38 -32.03 -7.26 -17.33
N LYS B 39 -30.82 -7.57 -17.75
CA LYS B 39 -30.02 -8.71 -17.23
C LYS B 39 -28.56 -8.27 -17.09
N LEU B 40 -27.75 -9.07 -16.42
CA LEU B 40 -26.31 -8.81 -16.35
C LEU B 40 -25.71 -8.89 -17.77
N LEU B 41 -24.69 -8.06 -18.00
CA LEU B 41 -23.95 -8.00 -19.28
C LEU B 41 -23.72 -9.41 -19.82
N LYS B 42 -24.01 -9.60 -21.11
CA LYS B 42 -23.53 -10.78 -21.87
C LYS B 42 -22.66 -10.28 -23.01
N ILE B 43 -21.40 -10.71 -23.04
CA ILE B 43 -20.46 -10.41 -24.14
C ILE B 43 -20.54 -11.54 -25.17
N ASN B 44 -21.11 -11.21 -26.33
CA ASN B 44 -21.61 -12.11 -27.39
C ASN B 44 -20.57 -12.17 -28.53
N SER B 45 -19.73 -11.15 -28.66
CA SER B 45 -18.86 -10.90 -29.84
C SER B 45 -17.62 -10.09 -29.43
N THR B 46 -16.61 -10.10 -30.30
CA THR B 46 -15.39 -9.27 -30.15
CA THR B 46 -15.39 -9.26 -30.23
C THR B 46 -15.78 -7.79 -30.15
N ALA B 47 -16.82 -7.41 -30.90
CA ALA B 47 -17.32 -6.02 -30.98
C ALA B 47 -17.89 -5.63 -29.61
N ASP B 48 -18.65 -6.52 -28.98
CA ASP B 48 -19.20 -6.27 -27.62
C ASP B 48 -18.01 -6.07 -26.66
N LEU B 49 -17.00 -6.94 -26.72
CA LEU B 49 -15.83 -6.89 -25.83
C LEU B 49 -15.10 -5.56 -26.01
N ASP B 50 -14.84 -5.14 -27.27
CA ASP B 50 -14.14 -3.87 -27.57
C ASP B 50 -14.91 -2.73 -26.89
N PHE B 51 -16.23 -2.69 -27.09
CA PHE B 51 -17.10 -1.62 -26.57
C PHE B 51 -17.00 -1.58 -25.05
N ILE B 52 -17.15 -2.72 -24.38
CA ILE B 52 -17.14 -2.74 -22.90
C ILE B 52 -15.75 -2.36 -22.38
N GLN B 53 -14.68 -2.88 -23.00
CA GLN B 53 -13.29 -2.59 -22.58
C GLN B 53 -13.04 -1.08 -22.69
N GLN B 54 -13.54 -0.42 -23.72
CA GLN B 54 -13.34 1.04 -23.87
C GLN B 54 -14.20 1.74 -22.80
N ALA B 55 -15.43 1.29 -22.57
CA ALA B 55 -16.39 1.92 -21.63
C ALA B 55 -15.82 1.88 -20.20
N ILE B 56 -15.15 0.80 -19.81
CA ILE B 56 -14.59 0.63 -18.44
C ILE B 56 -13.14 1.10 -18.35
N SER B 57 -12.50 1.52 -19.45
CA SER B 57 -11.08 1.93 -19.45
C SER B 57 -10.87 3.12 -18.50
N TYR B 58 -11.91 3.86 -18.15
CA TYR B 58 -11.84 5.01 -17.20
C TYR B 58 -11.74 4.55 -15.75
N SER B 59 -12.02 3.28 -15.49
CA SER B 59 -12.29 2.74 -14.12
C SER B 59 -11.31 1.60 -13.82
N SER B 60 -10.90 1.50 -12.55
CA SER B 60 -10.11 0.34 -12.07
CA SER B 60 -10.11 0.38 -11.98
C SER B 60 -11.07 -0.65 -11.37
N PHE B 61 -12.36 -0.33 -11.32
CA PHE B 61 -13.34 -1.17 -10.58
C PHE B 61 -13.62 -2.44 -11.35
N PRO B 62 -13.84 -3.57 -10.62
CA PRO B 62 -14.48 -4.76 -11.18
C PRO B 62 -15.96 -4.48 -11.46
N PHE B 63 -16.45 -4.98 -12.60
CA PHE B 63 -17.91 -4.98 -12.92
C PHE B 63 -18.36 -6.44 -13.10
N TRP B 64 -19.32 -6.86 -12.28
CA TRP B 64 -19.95 -8.19 -12.48
C TRP B 64 -20.59 -8.25 -13.88
N MET B 65 -20.47 -9.39 -14.55
CA MET B 65 -21.28 -9.69 -15.76
C MET B 65 -21.98 -11.03 -15.60
N GLY B 66 -22.81 -11.42 -16.58
CA GLY B 66 -23.76 -12.54 -16.47
C GLY B 66 -23.11 -13.93 -16.58
N LEU B 67 -21.80 -14.09 -16.33
CA LEU B 67 -21.08 -15.37 -16.50
C LEU B 67 -20.84 -15.99 -15.13
N SER B 68 -21.11 -17.28 -14.97
CA SER B 68 -20.95 -17.96 -13.67
C SER B 68 -20.75 -19.46 -13.90
N ARG B 69 -20.26 -20.13 -12.87
CA ARG B 69 -20.30 -21.60 -12.84
C ARG B 69 -20.46 -22.06 -11.40
N ARG B 70 -21.34 -23.04 -11.21
CA ARG B 70 -21.77 -23.52 -9.88
C ARG B 70 -20.56 -24.11 -9.14
N ASN B 71 -19.66 -24.82 -9.84
CA ASN B 71 -18.39 -25.33 -9.26
C ASN B 71 -17.42 -25.67 -10.40
N PRO B 72 -16.12 -25.88 -10.10
CA PRO B 72 -15.08 -25.92 -11.14
C PRO B 72 -15.24 -27.01 -12.21
N SER B 73 -15.98 -28.08 -11.91
CA SER B 73 -16.27 -29.19 -12.86
C SER B 73 -17.32 -28.74 -13.90
N TYR B 74 -18.08 -27.69 -13.62
CA TYR B 74 -19.12 -27.18 -14.56
C TYR B 74 -18.48 -26.26 -15.59
N PRO B 75 -19.14 -26.05 -16.76
CA PRO B 75 -18.66 -25.08 -17.74
C PRO B 75 -19.06 -23.67 -17.29
N TRP B 76 -18.30 -22.66 -17.71
CA TRP B 76 -18.73 -21.25 -17.61
C TRP B 76 -19.92 -21.05 -18.55
N LEU B 77 -21.04 -20.50 -18.04
CA LEU B 77 -22.27 -20.24 -18.83
C LEU B 77 -22.77 -18.83 -18.51
N TRP B 78 -23.33 -18.17 -19.51
CA TRP B 78 -24.08 -16.92 -19.35
C TRP B 78 -25.42 -17.29 -18.68
N GLU B 79 -26.13 -16.29 -18.16
CA GLU B 79 -27.42 -16.54 -17.44
CA GLU B 79 -27.41 -16.54 -17.46
C GLU B 79 -28.44 -17.12 -18.43
N ASP B 80 -28.27 -16.94 -19.75
CA ASP B 80 -29.25 -17.46 -20.75
C ASP B 80 -28.99 -18.95 -21.09
N GLY B 81 -27.99 -19.60 -20.48
CA GLY B 81 -27.63 -21.01 -20.73
C GLY B 81 -26.57 -21.17 -21.79
N SER B 82 -26.25 -20.12 -22.56
CA SER B 82 -25.28 -20.20 -23.68
C SER B 82 -23.86 -20.25 -23.10
N PRO B 83 -22.92 -20.95 -23.76
CA PRO B 83 -21.56 -21.04 -23.27
C PRO B 83 -20.72 -19.79 -23.61
N LEU B 84 -19.51 -19.73 -23.07
CA LEU B 84 -18.53 -18.68 -23.50
C LEU B 84 -18.04 -19.00 -24.92
N MET B 85 -18.30 -18.07 -25.85
CA MET B 85 -17.83 -18.10 -27.24
C MET B 85 -16.32 -18.28 -27.19
N PRO B 86 -15.76 -19.22 -27.99
CA PRO B 86 -14.31 -19.43 -28.00
C PRO B 86 -13.56 -18.18 -28.50
N HIS B 87 -12.33 -17.95 -28.01
CA HIS B 87 -11.40 -16.92 -28.55
C HIS B 87 -11.95 -15.50 -28.33
N LEU B 88 -12.72 -15.29 -27.26
CA LEU B 88 -13.20 -13.96 -26.84
C LEU B 88 -12.30 -13.51 -25.70
N PHE B 89 -12.29 -14.24 -24.59
CA PHE B 89 -11.45 -13.90 -23.43
C PHE B 89 -11.12 -15.13 -22.62
N ARG B 90 -10.02 -15.04 -21.88
CA ARG B 90 -9.63 -16.06 -20.89
C ARG B 90 -10.21 -15.63 -19.56
N VAL B 91 -10.70 -16.56 -18.74
CA VAL B 91 -11.11 -16.21 -17.34
C VAL B 91 -9.93 -16.47 -16.37
N ARG B 92 -9.43 -15.41 -15.72
CA ARG B 92 -8.25 -15.47 -14.82
C ARG B 92 -8.71 -15.50 -13.36
N GLY B 93 -7.78 -15.49 -12.41
CA GLY B 93 -8.11 -15.59 -10.99
C GLY B 93 -8.31 -17.02 -10.55
N ALA B 94 -9.00 -17.22 -9.42
CA ALA B 94 -9.20 -18.56 -8.81
C ALA B 94 -10.38 -19.26 -9.47
N VAL B 95 -10.15 -19.96 -10.58
CA VAL B 95 -11.24 -20.62 -11.36
C VAL B 95 -11.53 -22.00 -10.74
N SER B 96 -10.59 -22.46 -9.91
CA SER B 96 -10.40 -23.80 -9.30
C SER B 96 -11.10 -23.94 -7.94
N GLN B 97 -11.49 -22.83 -7.29
CA GLN B 97 -11.96 -22.83 -5.87
C GLN B 97 -13.46 -23.16 -5.86
N THR B 98 -13.97 -23.67 -4.73
CA THR B 98 -15.41 -23.90 -4.53
C THR B 98 -15.91 -22.90 -3.47
N TYR B 99 -16.93 -22.12 -3.79
CA TYR B 99 -17.54 -21.13 -2.86
C TYR B 99 -19.00 -21.48 -2.65
N PRO B 100 -19.54 -21.22 -1.43
CA PRO B 100 -20.94 -21.51 -1.11
C PRO B 100 -21.96 -21.02 -2.13
N SER B 101 -21.76 -19.82 -2.70
CA SER B 101 -22.74 -19.18 -3.63
C SER B 101 -22.24 -19.34 -5.07
N GLY B 102 -21.20 -20.15 -5.30
CA GLY B 102 -20.61 -20.39 -6.63
C GLY B 102 -19.55 -19.35 -7.00
N THR B 103 -19.02 -19.49 -8.22
CA THR B 103 -18.01 -18.60 -8.85
C THR B 103 -18.67 -17.82 -9.98
N CYS B 104 -18.34 -16.53 -10.05
CA CYS B 104 -18.91 -15.53 -10.98
C CYS B 104 -17.75 -14.79 -11.66
N ALA B 105 -17.96 -14.21 -12.83
CA ALA B 105 -16.90 -13.47 -13.55
C ALA B 105 -17.19 -11.97 -13.46
N TYR B 106 -16.14 -11.18 -13.23
CA TYR B 106 -16.19 -9.72 -13.39
C TYR B 106 -15.20 -9.33 -14.49
N ILE B 107 -15.46 -8.18 -15.11
CA ILE B 107 -14.57 -7.60 -16.13
C ILE B 107 -13.95 -6.34 -15.51
N GLN B 108 -12.66 -6.16 -15.76
CA GLN B 108 -11.87 -5.05 -15.23
C GLN B 108 -10.88 -4.69 -16.32
N ARG B 109 -10.97 -3.49 -16.87
CA ARG B 109 -10.07 -3.06 -17.97
C ARG B 109 -9.92 -4.20 -18.98
N GLY B 110 -8.65 -4.50 -19.28
CA GLY B 110 -8.33 -5.47 -20.33
C GLY B 110 -8.41 -6.90 -19.85
N ALA B 111 -9.04 -7.24 -18.71
CA ALA B 111 -9.06 -8.66 -18.27
C ALA B 111 -10.39 -9.08 -17.63
N VAL B 112 -10.67 -10.39 -17.64
CA VAL B 112 -11.83 -11.00 -16.95
C VAL B 112 -11.31 -11.92 -15.83
N TYR B 113 -11.91 -11.84 -14.65
CA TYR B 113 -11.48 -12.62 -13.48
C TYR B 113 -12.67 -13.37 -12.86
N ALA B 114 -12.38 -14.55 -12.36
CA ALA B 114 -13.28 -15.37 -11.51
C ALA B 114 -13.16 -14.86 -10.08
N GLU B 115 -14.27 -14.91 -9.38
CA GLU B 115 -14.37 -14.51 -7.98
C GLU B 115 -15.58 -15.17 -7.32
N ASN B 116 -15.49 -15.36 -6.02
CA ASN B 116 -16.59 -15.73 -5.11
C ASN B 116 -17.78 -14.81 -5.36
N CYS B 117 -18.95 -15.38 -5.70
CA CYS B 117 -20.17 -14.63 -6.10
C CYS B 117 -20.70 -13.78 -4.94
N ILE B 118 -20.28 -14.01 -3.69
CA ILE B 118 -20.85 -13.25 -2.52
CA ILE B 118 -20.82 -13.26 -2.50
C ILE B 118 -20.12 -11.91 -2.38
N LEU B 119 -18.97 -11.72 -3.03
CA LEU B 119 -18.23 -10.43 -2.92
C LEU B 119 -19.00 -9.34 -3.67
N ALA B 120 -18.90 -8.11 -3.18
CA ALA B 120 -19.68 -6.98 -3.70
C ALA B 120 -18.86 -6.28 -4.78
N ALA B 121 -19.49 -5.97 -5.91
CA ALA B 121 -18.88 -5.24 -7.01
C ALA B 121 -20.00 -4.44 -7.68
N PHE B 122 -19.63 -3.39 -8.36
CA PHE B 122 -20.49 -2.74 -9.34
C PHE B 122 -20.78 -3.79 -10.41
N SER B 123 -21.79 -3.52 -11.21
CA SER B 123 -22.21 -4.43 -12.29
C SER B 123 -22.63 -3.63 -13.50
N ILE B 124 -22.75 -4.34 -14.62
CA ILE B 124 -23.28 -3.78 -15.88
C ILE B 124 -24.54 -4.54 -16.28
N CYS B 125 -25.63 -3.80 -16.50
CA CYS B 125 -26.92 -4.36 -16.96
C CYS B 125 -27.05 -4.07 -18.44
N GLN B 126 -27.73 -4.95 -19.18
CA GLN B 126 -28.14 -4.67 -20.57
C GLN B 126 -29.58 -5.12 -20.81
N LYS B 127 -30.17 -4.54 -21.85
CA LYS B 127 -31.51 -4.89 -22.37
C LYS B 127 -31.57 -4.40 -23.81
N LYS B 128 -32.49 -4.97 -24.59
CA LYS B 128 -32.66 -4.66 -26.03
CA LYS B 128 -32.65 -4.67 -26.04
C LYS B 128 -33.08 -3.20 -26.17
N ALA B 129 -32.49 -2.50 -27.11
CA ALA B 129 -32.89 -1.14 -27.50
C ALA B 129 -34.25 -1.24 -28.22
N ASN B 130 -35.09 -0.21 -28.07
CA ASN B 130 -36.34 -0.05 -28.86
C ASN B 130 -35.98 0.49 -30.26
N LEU B 131 -35.91 -0.39 -31.27
CA LEU B 131 -35.65 -0.02 -32.69
C LEU B 131 -36.80 -0.56 -33.55
N GLN C 1 13.58 10.34 -20.26
CA GLN C 1 13.58 9.35 -19.14
C GLN C 1 14.43 9.94 -18.00
N VAL C 2 13.99 9.77 -16.75
CA VAL C 2 14.47 10.60 -15.59
C VAL C 2 15.14 9.70 -14.55
N GLN C 3 16.21 10.21 -13.94
CA GLN C 3 17.02 9.52 -12.89
C GLN C 3 17.23 10.49 -11.71
N LEU C 4 17.23 9.95 -10.47
CA LEU C 4 17.49 10.71 -9.22
C LEU C 4 18.75 10.15 -8.54
N VAL C 5 19.71 11.02 -8.26
CA VAL C 5 20.99 10.62 -7.63
C VAL C 5 21.05 11.38 -6.31
N GLN C 6 21.19 10.64 -5.20
CA GLN C 6 21.16 11.22 -3.84
C GLN C 6 22.60 11.33 -3.34
N SER C 7 22.84 12.22 -2.36
CA SER C 7 24.14 12.38 -1.65
C SER C 7 24.50 11.11 -0.87
N GLY C 8 25.76 11.02 -0.46
CA GLY C 8 26.33 9.84 0.21
C GLY C 8 25.86 9.72 1.64
N ALA C 9 26.12 8.55 2.22
CA ALA C 9 25.78 8.19 3.62
C ALA C 9 26.37 9.24 4.57
N GLU C 10 25.71 9.42 5.71
CA GLU C 10 26.13 10.40 6.72
C GLU C 10 25.98 9.73 8.08
N VAL C 11 26.85 10.14 9.01
CA VAL C 11 26.80 9.76 10.43
C VAL C 11 26.66 11.05 11.23
N LYS C 12 25.75 11.10 12.18
CA LYS C 12 25.38 12.35 12.87
C LYS C 12 25.18 12.04 14.34
N LYS C 13 25.36 13.05 15.20
CA LYS C 13 25.16 12.90 16.66
C LYS C 13 23.72 13.27 16.94
N PRO C 14 23.08 12.70 17.99
CA PRO C 14 21.75 13.13 18.38
C PRO C 14 21.81 14.65 18.52
N GLY C 15 20.76 15.36 18.11
CA GLY C 15 20.69 16.83 18.25
C GLY C 15 21.19 17.55 17.02
N ALA C 16 22.05 16.95 16.21
CA ALA C 16 22.49 17.57 14.94
C ALA C 16 21.32 17.57 13.93
N SER C 17 21.62 18.05 12.72
CA SER C 17 20.73 18.06 11.53
C SER C 17 21.48 17.46 10.34
N VAL C 18 20.74 16.97 9.36
CA VAL C 18 21.32 16.40 8.11
C VAL C 18 20.58 17.04 6.94
N LYS C 19 21.23 17.13 5.80
CA LYS C 19 20.64 17.69 4.57
C LYS C 19 20.99 16.75 3.44
N VAL C 20 19.99 16.05 2.94
CA VAL C 20 20.17 15.07 1.87
C VAL C 20 19.79 15.80 0.58
N SER C 21 20.59 15.58 -0.45
CA SER C 21 20.40 16.18 -1.78
C SER C 21 19.85 15.10 -2.70
N CYS C 22 19.12 15.53 -3.70
CA CYS C 22 18.48 14.65 -4.70
C CYS C 22 18.55 15.36 -6.06
N LYS C 23 19.48 14.95 -6.92
CA LYS C 23 19.71 15.65 -8.20
C LYS C 23 18.93 14.92 -9.27
N VAL C 24 18.13 15.68 -10.02
CA VAL C 24 17.29 15.18 -11.14
C VAL C 24 18.03 15.44 -12.45
N SER C 25 18.11 14.41 -13.28
CA SER C 25 18.67 14.49 -14.65
C SER C 25 17.62 13.91 -15.61
N GLY C 26 17.40 14.56 -16.75
CA GLY C 26 16.56 14.04 -17.85
C GLY C 26 15.33 14.91 -18.08
N TYR C 27 14.98 15.72 -17.09
CA TYR C 27 13.86 16.69 -17.18
C TYR C 27 14.04 17.71 -16.07
N THR C 28 13.30 18.80 -16.16
CA THR C 28 13.40 19.94 -15.23
C THR C 28 12.53 19.64 -14.01
N LEU C 29 13.10 19.92 -12.84
CA LEU C 29 12.53 19.66 -11.49
C LEU C 29 11.31 20.56 -11.23
N THR C 30 11.30 21.79 -11.77
CA THR C 30 10.23 22.79 -11.53
C THR C 30 8.87 22.28 -12.05
N GLU C 31 8.87 21.31 -12.94
CA GLU C 31 7.60 20.79 -13.53
C GLU C 31 7.18 19.50 -12.82
N LEU C 32 7.91 19.05 -11.80
CA LEU C 32 7.83 17.64 -11.35
C LEU C 32 7.51 17.58 -9.87
N SER C 33 6.79 16.50 -9.49
CA SER C 33 6.25 16.29 -8.11
C SER C 33 7.24 15.40 -7.34
N MET C 34 8.02 16.01 -6.46
CA MET C 34 9.05 15.37 -5.59
C MET C 34 8.43 14.97 -4.22
N HIS C 35 8.77 13.78 -3.75
CA HIS C 35 8.40 13.22 -2.44
C HIS C 35 9.65 12.75 -1.71
N TRP C 36 9.57 12.73 -0.40
CA TRP C 36 10.58 12.11 0.49
C TRP C 36 9.93 11.01 1.33
N VAL C 37 10.60 9.87 1.39
CA VAL C 37 10.18 8.64 2.07
C VAL C 37 11.40 8.14 2.84
N ARG C 38 11.22 7.66 4.05
CA ARG C 38 12.33 7.00 4.78
C ARG C 38 11.92 5.60 5.27
N GLN C 39 12.90 4.82 5.68
CA GLN C 39 12.71 3.43 6.16
C GLN C 39 13.81 3.16 7.20
N ALA C 40 13.41 3.10 8.45
CA ALA C 40 14.29 2.61 9.54
C ALA C 40 14.58 1.12 9.36
N PRO C 41 15.70 0.60 9.91
CA PRO C 41 16.08 -0.81 9.73
C PRO C 41 15.04 -1.78 10.32
N GLY C 42 14.60 -2.71 9.49
CA GLY C 42 13.58 -3.70 9.82
C GLY C 42 12.18 -3.12 9.85
N LYS C 43 11.97 -1.87 9.47
CA LYS C 43 10.63 -1.23 9.58
C LYS C 43 10.11 -0.85 8.19
N GLY C 44 8.92 -0.26 8.16
CA GLY C 44 8.17 0.00 6.92
C GLY C 44 8.50 1.35 6.33
N LEU C 45 7.99 1.62 5.13
CA LEU C 45 8.08 2.92 4.46
C LEU C 45 7.27 3.97 5.22
N GLU C 46 7.85 5.16 5.36
CA GLU C 46 7.19 6.33 6.00
C GLU C 46 7.28 7.49 5.03
N TRP C 47 6.12 7.98 4.58
CA TRP C 47 6.05 9.21 3.77
C TRP C 47 6.38 10.40 4.67
N MET C 48 7.30 11.24 4.26
CA MET C 48 7.71 12.42 5.06
C MET C 48 7.04 13.69 4.52
N GLY C 49 6.93 13.83 3.21
CA GLY C 49 6.41 15.05 2.59
C GLY C 49 6.56 15.06 1.07
N GLY C 50 5.88 16.01 0.42
CA GLY C 50 5.96 16.16 -1.04
C GLY C 50 4.94 17.12 -1.55
N PHE C 51 5.01 17.33 -2.86
CA PHE C 51 4.09 18.21 -3.61
C PHE C 51 2.66 17.66 -3.57
N ASP C 52 1.71 18.54 -3.28
CA ASP C 52 0.26 18.21 -3.28
C ASP C 52 -0.45 19.10 -4.31
N PRO C 53 -1.00 18.48 -5.37
CA PRO C 53 -1.82 19.18 -6.37
C PRO C 53 -3.15 19.73 -5.84
N GLU C 54 -3.60 19.24 -4.69
CA GLU C 54 -4.79 19.78 -3.99
C GLU C 54 -4.70 21.31 -3.88
N ASP C 55 -3.57 21.85 -3.41
CA ASP C 55 -3.46 23.32 -3.16
C ASP C 55 -2.18 23.85 -3.79
N PHE C 56 -1.44 23.00 -4.50
CA PHE C 56 -0.17 23.39 -5.15
C PHE C 56 0.81 23.85 -4.08
N LYS C 57 0.81 23.18 -2.92
CA LYS C 57 1.85 23.41 -1.89
C LYS C 57 2.63 22.14 -1.58
N TYR C 58 3.80 22.29 -0.97
CA TYR C 58 4.54 21.17 -0.34
C TYR C 58 3.95 20.93 1.04
N HIS C 59 3.60 19.68 1.35
CA HIS C 59 3.12 19.26 2.69
C HIS C 59 4.16 18.34 3.34
N THR C 60 4.28 18.39 4.65
CA THR C 60 5.06 17.44 5.48
C THR C 60 4.09 16.74 6.42
N HIS C 61 4.34 15.46 6.69
CA HIS C 61 3.60 14.69 7.69
C HIS C 61 3.71 15.41 9.04
N GLN C 62 2.57 15.58 9.71
CA GLN C 62 2.41 16.21 11.04
C GLN C 62 3.51 15.72 11.98
N LYS C 63 3.78 14.42 11.95
CA LYS C 63 4.75 13.69 12.82
C LYS C 63 6.12 14.39 12.84
N PHE C 64 6.48 15.17 11.82
CA PHE C 64 7.84 15.75 11.64
C PHE C 64 7.80 17.24 11.92
N GLN C 65 6.75 17.91 11.44
CA GLN C 65 6.61 19.39 11.37
C GLN C 65 7.36 20.06 12.51
N GLY C 66 8.04 21.14 12.16
CA GLY C 66 9.17 21.69 12.93
C GLY C 66 10.46 21.17 12.33
N ARG C 67 10.60 19.84 12.22
CA ARG C 67 11.92 19.19 12.03
C ARG C 67 12.28 19.03 10.55
N VAL C 68 11.30 18.94 9.65
CA VAL C 68 11.59 18.70 8.20
C VAL C 68 11.47 20.02 7.41
N THR C 69 12.45 20.32 6.56
CA THR C 69 12.36 21.38 5.51
C THR C 69 12.73 20.78 4.16
N MET C 70 11.86 20.99 3.18
CA MET C 70 12.07 20.60 1.77
C MET C 70 12.22 21.89 0.98
N THR C 71 13.27 21.95 0.16
CA THR C 71 13.66 23.07 -0.71
C THR C 71 14.04 22.47 -2.07
N GLU C 72 14.02 23.30 -3.12
CA GLU C 72 14.45 22.92 -4.49
C GLU C 72 15.28 24.07 -5.06
N ASP C 73 16.36 23.72 -5.76
CA ASP C 73 17.24 24.67 -6.46
C ASP C 73 16.95 24.52 -7.95
N THR C 74 16.23 25.48 -8.50
CA THR C 74 15.73 25.44 -9.91
C THR C 74 16.91 25.53 -10.90
N SER C 75 18.11 25.92 -10.43
CA SER C 75 19.32 26.15 -11.28
C SER C 75 20.10 24.84 -11.48
N THR C 76 20.06 23.91 -10.52
CA THR C 76 20.84 22.64 -10.58
C THR C 76 19.90 21.44 -10.71
N ASP C 77 18.58 21.70 -10.66
CA ASP C 77 17.53 20.64 -10.64
C ASP C 77 17.80 19.71 -9.46
N THR C 78 18.05 20.28 -8.30
CA THR C 78 18.37 19.56 -7.04
C THR C 78 17.30 19.81 -5.98
N ALA C 79 16.71 18.75 -5.41
CA ALA C 79 15.86 18.83 -4.19
C ALA C 79 16.66 18.46 -2.94
N TYR C 80 16.33 19.09 -1.83
CA TYR C 80 16.97 18.91 -0.52
C TYR C 80 15.90 18.60 0.52
N MET C 81 16.26 17.71 1.43
CA MET C 81 15.48 17.44 2.66
C MET C 81 16.42 17.66 3.84
N GLU C 82 16.03 18.54 4.74
CA GLU C 82 16.80 18.79 5.99
C GLU C 82 15.95 18.38 7.18
N LEU C 83 16.51 17.50 8.00
CA LEU C 83 15.89 16.95 9.22
C LEU C 83 16.73 17.39 10.42
N SER C 84 16.12 18.08 11.36
CA SER C 84 16.83 18.70 12.50
C SER C 84 16.46 17.95 13.79
N SER C 85 17.10 18.29 14.92
CA SER C 85 16.95 17.60 16.23
C SER C 85 16.96 16.09 16.06
N LEU C 86 17.99 15.56 15.42
CA LEU C 86 18.11 14.12 15.07
C LEU C 86 18.10 13.24 16.33
N ARG C 87 17.30 12.16 16.32
CA ARG C 87 17.30 11.12 17.40
C ARG C 87 17.68 9.77 16.79
N SER C 88 17.97 8.79 17.63
CA SER C 88 18.33 7.42 17.20
C SER C 88 17.25 6.88 16.24
N GLU C 89 15.99 7.17 16.54
CA GLU C 89 14.80 6.71 15.76
C GLU C 89 14.83 7.27 14.33
N ASP C 90 15.66 8.29 14.06
CA ASP C 90 15.82 8.91 12.71
C ASP C 90 16.84 8.13 11.91
N THR C 91 17.58 7.20 12.54
CA THR C 91 18.51 6.32 11.81
C THR C 91 17.67 5.59 10.75
N ALA C 92 17.99 5.71 9.45
CA ALA C 92 17.08 5.28 8.37
C ALA C 92 17.74 5.49 7.01
N VAL C 93 17.24 4.81 6.01
CA VAL C 93 17.52 5.14 4.59
C VAL C 93 16.45 6.15 4.16
N TYR C 94 16.91 7.29 3.67
CA TYR C 94 16.09 8.41 3.17
C TYR C 94 16.03 8.29 1.66
N TYR C 95 14.83 8.42 1.11
CA TYR C 95 14.65 8.28 -0.36
C TYR C 95 13.95 9.51 -0.88
N CYS C 96 14.41 9.99 -2.03
CA CYS C 96 13.64 10.96 -2.81
C CYS C 96 12.95 10.15 -3.88
N ALA C 97 11.75 10.58 -4.24
CA ALA C 97 10.98 9.88 -5.27
C ALA C 97 10.13 10.92 -5.99
N LEU C 98 9.82 10.62 -7.24
CA LEU C 98 9.15 11.58 -8.15
C LEU C 98 8.03 10.88 -8.92
N VAL C 99 6.99 11.63 -9.26
CA VAL C 99 5.85 11.15 -10.08
C VAL C 99 6.12 11.53 -11.54
N TRP C 100 6.58 10.57 -12.32
CA TRP C 100 7.02 10.75 -13.73
C TRP C 100 6.00 10.17 -14.71
N GLY C 101 4.87 9.69 -14.20
CA GLY C 101 3.79 9.03 -14.96
C GLY C 101 3.34 9.79 -16.22
N THR C 102 3.32 11.12 -16.22
CA THR C 102 2.82 11.89 -17.40
C THR C 102 3.96 12.59 -18.13
N GLN C 103 5.18 12.45 -17.62
CA GLN C 103 6.43 12.96 -18.23
C GLN C 103 6.35 14.48 -18.44
N GLY C 104 5.76 15.19 -17.47
CA GLY C 104 5.63 16.65 -17.45
C GLY C 104 4.52 17.15 -18.34
N LYS C 105 3.69 16.27 -18.90
CA LYS C 105 2.65 16.69 -19.90
C LYS C 105 1.25 16.71 -19.30
N GLY C 106 1.03 15.99 -18.20
CA GLY C 106 -0.29 15.86 -17.57
C GLY C 106 -0.53 16.92 -16.52
N VAL C 107 -1.80 17.24 -16.30
CA VAL C 107 -2.20 18.05 -15.11
C VAL C 107 -1.57 17.36 -13.90
N ARG C 108 -1.26 18.13 -12.87
CA ARG C 108 -0.60 17.65 -11.63
C ARG C 108 -1.54 16.69 -10.89
N GLY C 109 -2.86 16.85 -11.06
CA GLY C 109 -3.84 15.98 -10.37
C GLY C 109 -3.71 14.52 -10.77
N TRP C 110 -3.03 14.20 -11.87
CA TRP C 110 -2.72 12.80 -12.25
C TRP C 110 -1.81 12.15 -11.19
N ASP C 111 -1.17 12.93 -10.32
CA ASP C 111 -0.22 12.39 -9.32
C ASP C 111 -0.91 11.29 -8.50
N TYR C 112 -2.17 11.47 -8.15
CA TYR C 112 -2.86 10.54 -7.23
C TYR C 112 -3.08 9.18 -7.88
N TYR C 113 -3.09 9.18 -9.22
CA TYR C 113 -3.34 8.00 -10.05
C TYR C 113 -2.05 7.25 -10.35
N TYR C 114 -0.96 7.94 -10.66
CA TYR C 114 0.30 7.34 -11.16
C TYR C 114 1.26 6.90 -10.04
N GLY C 115 1.22 7.47 -8.86
CA GLY C 115 2.13 7.02 -7.79
C GLY C 115 3.58 7.39 -8.08
N MET C 116 4.51 6.87 -7.28
CA MET C 116 5.95 7.24 -7.32
C MET C 116 6.73 6.19 -8.09
N ASP C 117 7.03 6.47 -9.36
CA ASP C 117 7.68 5.46 -10.24
C ASP C 117 9.19 5.63 -10.24
N VAL C 118 9.70 6.82 -9.94
CA VAL C 118 11.15 7.12 -10.04
C VAL C 118 11.71 7.40 -8.64
N TRP C 119 12.71 6.61 -8.25
CA TRP C 119 13.30 6.50 -6.88
C TRP C 119 14.80 6.80 -6.97
N GLY C 120 15.30 7.66 -6.09
CA GLY C 120 16.74 7.77 -5.82
C GLY C 120 17.26 6.46 -5.26
N GLN C 121 18.58 6.34 -5.10
CA GLN C 121 19.23 5.08 -4.65
C GLN C 121 19.14 5.02 -3.11
N GLY C 122 18.74 6.11 -2.46
CA GLY C 122 18.68 6.18 -0.99
C GLY C 122 19.94 6.75 -0.38
N THR C 123 19.80 7.33 0.80
CA THR C 123 20.91 7.87 1.61
C THR C 123 20.76 7.36 3.03
N THR C 124 21.76 6.62 3.50
CA THR C 124 21.81 6.10 4.89
C THR C 124 22.23 7.24 5.78
N VAL C 125 21.40 7.55 6.76
CA VAL C 125 21.74 8.44 7.90
C VAL C 125 21.74 7.59 9.16
N THR C 126 22.91 7.49 9.80
CA THR C 126 23.09 6.86 11.12
C THR C 126 23.20 7.96 12.20
N VAL C 127 22.27 7.96 13.15
CA VAL C 127 22.30 8.87 14.33
C VAL C 127 22.80 8.03 15.53
N SER C 128 24.07 8.21 15.92
CA SER C 128 24.70 7.52 17.08
C SER C 128 25.78 8.41 17.71
N SER C 129 25.83 8.44 19.04
CA SER C 129 26.92 9.03 19.87
C SER C 129 27.53 7.94 20.78
N ALA C 130 27.29 6.67 20.49
CA ALA C 130 27.85 5.53 21.25
C ALA C 130 29.38 5.58 21.20
N SER C 131 30.01 5.45 22.36
CA SER C 131 31.47 5.23 22.50
C SER C 131 31.71 3.79 22.96
N THR C 132 32.89 3.23 22.69
CA THR C 132 33.32 1.92 23.20
C THR C 132 32.80 1.74 24.63
N LYS C 133 32.07 0.63 24.85
CA LYS C 133 31.58 0.24 26.18
C LYS C 133 31.50 -1.29 26.21
N GLY C 134 32.05 -1.89 27.28
CA GLY C 134 32.07 -3.34 27.46
C GLY C 134 30.73 -3.81 27.98
N PRO C 135 30.30 -5.04 27.67
CA PRO C 135 29.01 -5.54 28.14
C PRO C 135 29.01 -5.83 29.64
N SER C 136 27.84 -5.85 30.28
CA SER C 136 27.58 -6.67 31.49
C SER C 136 27.12 -8.07 31.06
N VAL C 137 27.53 -9.14 31.75
CA VAL C 137 27.21 -10.54 31.35
C VAL C 137 26.43 -11.18 32.49
N PHE C 138 25.16 -11.52 32.27
CA PHE C 138 24.27 -12.10 33.29
C PHE C 138 23.91 -13.53 32.90
N PRO C 139 23.82 -14.44 33.90
CA PRO C 139 23.45 -15.82 33.65
C PRO C 139 21.94 -15.89 33.37
N LEU C 140 21.55 -16.73 32.41
CA LEU C 140 20.12 -17.08 32.20
C LEU C 140 19.94 -18.52 32.69
N ALA C 141 19.49 -18.68 33.92
CA ALA C 141 19.57 -19.97 34.63
C ALA C 141 18.50 -20.92 34.12
N PRO C 142 18.82 -22.22 34.00
CA PRO C 142 17.83 -23.23 33.62
C PRO C 142 16.91 -23.45 34.82
N SER C 143 15.64 -23.65 34.52
CA SER C 143 14.59 -24.01 35.49
C SER C 143 13.74 -25.15 34.90
N SER C 144 12.55 -25.38 35.46
CA SER C 144 11.58 -26.38 34.94
C SER C 144 10.69 -25.75 33.85
N GLY C 150 12.98 -33.52 29.04
CA GLY C 150 14.32 -34.14 29.13
C GLY C 150 15.46 -33.17 28.82
N THR C 151 15.19 -32.10 28.07
CA THR C 151 16.21 -31.05 27.78
C THR C 151 16.01 -29.86 28.71
N ALA C 152 17.00 -29.00 28.78
CA ALA C 152 16.95 -27.75 29.56
C ALA C 152 17.72 -26.69 28.78
N ALA C 153 17.16 -25.49 28.75
CA ALA C 153 17.77 -24.31 28.10
C ALA C 153 18.39 -23.39 29.17
N LEU C 154 19.65 -23.01 28.96
CA LEU C 154 20.32 -21.99 29.81
C LEU C 154 21.16 -21.06 28.93
N GLY C 155 21.49 -19.86 29.42
CA GLY C 155 22.25 -18.94 28.58
C GLY C 155 22.94 -17.84 29.34
N CYS C 156 23.42 -16.89 28.54
CA CYS C 156 24.11 -15.67 28.98
C CYS C 156 23.53 -14.50 28.22
N LEU C 157 23.15 -13.47 28.95
CA LEU C 157 22.77 -12.14 28.45
C LEU C 157 24.01 -11.27 28.46
N VAL C 158 24.43 -10.83 27.26
CA VAL C 158 25.55 -9.90 27.05
C VAL C 158 24.96 -8.52 26.74
N LYS C 159 24.89 -7.65 27.76
CA LYS C 159 24.03 -6.45 27.79
C LYS C 159 24.85 -5.17 27.66
N ASP C 160 24.44 -4.27 26.75
CA ASP C 160 24.86 -2.84 26.71
C ASP C 160 26.35 -2.71 26.37
N TYR C 161 26.71 -3.14 25.17
CA TYR C 161 28.06 -2.97 24.61
C TYR C 161 28.04 -2.18 23.31
N PHE C 162 29.20 -1.64 22.98
CA PHE C 162 29.47 -0.93 21.72
C PHE C 162 30.97 -0.98 21.46
N PRO C 163 31.41 -1.21 20.21
CA PRO C 163 30.53 -1.63 19.12
C PRO C 163 30.44 -3.15 18.93
N GLU C 164 29.72 -3.60 17.91
CA GLU C 164 29.78 -5.01 17.46
C GLU C 164 31.25 -5.29 17.21
N PRO C 165 31.71 -6.56 17.21
CA PRO C 165 30.95 -7.71 17.72
C PRO C 165 31.39 -8.12 19.12
N VAL C 166 30.71 -9.13 19.65
CA VAL C 166 31.15 -9.93 20.83
C VAL C 166 31.21 -11.38 20.35
N THR C 167 32.13 -12.19 20.88
CA THR C 167 32.16 -13.67 20.66
C THR C 167 31.68 -14.32 21.95
N VAL C 168 30.92 -15.42 21.81
CA VAL C 168 30.46 -16.29 22.92
C VAL C 168 30.78 -17.73 22.51
N SER C 169 31.50 -18.43 23.36
CA SER C 169 31.70 -19.89 23.31
C SER C 169 31.20 -20.42 24.65
N TRP C 170 31.13 -21.72 24.77
CA TRP C 170 30.71 -22.44 25.98
C TRP C 170 31.77 -23.45 26.40
N ASN C 171 32.01 -23.51 27.70
CA ASN C 171 33.04 -24.41 28.31
C ASN C 171 34.29 -24.34 27.44
N SER C 172 34.76 -23.11 27.17
CA SER C 172 36.02 -22.80 26.43
C SER C 172 36.10 -23.53 25.10
N GLY C 173 34.98 -23.74 24.41
CA GLY C 173 34.95 -24.37 23.06
C GLY C 173 34.55 -25.84 23.07
N ALA C 174 34.52 -26.48 24.25
CA ALA C 174 34.21 -27.93 24.42
C ALA C 174 32.73 -28.18 24.15
N LEU C 175 31.88 -27.16 24.27
CA LEU C 175 30.43 -27.30 24.01
C LEU C 175 30.04 -26.49 22.77
N THR C 176 29.58 -27.17 21.71
CA THR C 176 29.12 -26.55 20.44
C THR C 176 27.71 -27.05 20.12
N SER C 177 27.44 -28.32 20.42
CA SER C 177 26.14 -28.97 20.22
C SER C 177 25.04 -28.27 21.03
N GLY C 178 23.97 -27.83 20.35
CA GLY C 178 22.79 -27.21 20.98
C GLY C 178 23.02 -25.73 21.33
N VAL C 179 24.13 -25.13 20.88
CA VAL C 179 24.47 -23.70 21.11
C VAL C 179 23.80 -22.84 20.02
N HIS C 180 23.02 -21.85 20.45
CA HIS C 180 22.47 -20.77 19.59
C HIS C 180 22.81 -19.40 20.19
N THR C 181 23.69 -18.67 19.52
CA THR C 181 24.02 -17.26 19.77
C THR C 181 23.17 -16.40 18.84
N PHE C 182 22.35 -15.52 19.41
CA PHE C 182 21.37 -14.72 18.63
C PHE C 182 22.06 -13.45 18.14
N PRO C 183 21.67 -12.96 16.95
CA PRO C 183 22.07 -11.62 16.53
C PRO C 183 21.65 -10.62 17.61
N ALA C 184 22.46 -9.59 17.80
CA ALA C 184 22.24 -8.52 18.80
C ALA C 184 21.01 -7.73 18.40
N VAL C 185 20.31 -7.22 19.40
CA VAL C 185 19.41 -6.04 19.28
C VAL C 185 20.19 -4.73 19.45
N LEU C 186 19.89 -3.75 18.60
CA LEU C 186 20.34 -2.36 18.77
C LEU C 186 19.24 -1.62 19.53
N GLN C 187 19.53 -1.21 20.75
CA GLN C 187 18.62 -0.46 21.63
C GLN C 187 18.69 1.02 21.20
N SER C 188 17.64 1.77 21.56
CA SER C 188 17.44 3.22 21.29
C SER C 188 18.60 4.03 21.89
N SER C 189 19.19 3.56 23.00
CA SER C 189 20.43 4.08 23.62
C SER C 189 21.62 4.06 22.65
N GLY C 190 21.57 3.29 21.55
CA GLY C 190 22.71 3.09 20.63
C GLY C 190 23.63 1.95 21.06
N LEU C 191 23.31 1.28 22.18
CA LEU C 191 24.08 0.10 22.66
C LEU C 191 23.41 -1.21 22.18
N TYR C 192 24.25 -2.22 21.92
CA TYR C 192 23.86 -3.60 21.58
C TYR C 192 23.66 -4.48 22.83
N SER C 193 22.75 -5.44 22.71
CA SER C 193 22.64 -6.60 23.62
C SER C 193 22.46 -7.87 22.81
N LEU C 194 22.99 -8.99 23.29
CA LEU C 194 22.69 -10.31 22.69
C LEU C 194 22.59 -11.37 23.78
N SER C 195 22.03 -12.51 23.40
CA SER C 195 21.92 -13.71 24.25
C SER C 195 22.52 -14.89 23.49
N SER C 196 23.23 -15.75 24.20
CA SER C 196 23.61 -17.10 23.76
C SER C 196 22.92 -18.11 24.68
N VAL C 197 22.27 -19.09 24.07
CA VAL C 197 21.55 -20.18 24.79
C VAL C 197 22.07 -21.51 24.31
N VAL C 198 22.13 -22.46 25.23
CA VAL C 198 22.57 -23.83 24.90
C VAL C 198 21.53 -24.75 25.54
N THR C 199 21.07 -25.73 24.76
CA THR C 199 20.05 -26.70 25.20
C THR C 199 20.79 -27.98 25.54
N VAL C 200 20.59 -28.46 26.75
CA VAL C 200 21.35 -29.61 27.30
C VAL C 200 20.38 -30.60 27.92
N PRO C 201 20.80 -31.87 28.14
CA PRO C 201 20.00 -32.82 28.89
C PRO C 201 19.78 -32.29 30.32
N SER C 202 18.57 -32.34 30.83
CA SER C 202 18.21 -31.84 32.18
C SER C 202 18.98 -32.61 33.25
N SER C 203 19.43 -33.81 32.92
CA SER C 203 20.03 -34.78 33.87
C SER C 203 21.51 -34.45 34.08
N SER C 204 22.09 -33.59 33.23
CA SER C 204 23.50 -33.13 33.32
C SER C 204 23.63 -31.94 34.28
N LEU C 205 22.51 -31.30 34.66
CA LEU C 205 22.58 -30.00 35.38
C LEU C 205 23.19 -30.13 36.77
N GLY C 206 23.13 -31.31 37.39
CA GLY C 206 23.65 -31.52 38.76
C GLY C 206 25.13 -31.82 38.75
N THR C 207 25.66 -32.16 37.57
CA THR C 207 26.96 -32.88 37.37
C THR C 207 27.92 -32.13 36.42
N GLN C 208 27.41 -31.45 35.39
CA GLN C 208 28.24 -30.80 34.35
C GLN C 208 28.18 -29.28 34.56
N THR C 209 29.33 -28.63 34.73
CA THR C 209 29.42 -27.15 34.87
C THR C 209 29.22 -26.52 33.48
N TYR C 210 28.43 -25.45 33.39
CA TYR C 210 28.28 -24.65 32.16
C TYR C 210 28.78 -23.22 32.35
N ILE C 211 29.70 -22.81 31.48
CA ILE C 211 30.34 -21.46 31.55
C ILE C 211 30.30 -20.87 30.14
N CYS C 212 29.82 -19.64 30.00
CA CYS C 212 29.89 -18.89 28.72
C CYS C 212 31.13 -18.00 28.77
N ASN C 213 31.93 -18.08 27.73
CA ASN C 213 33.17 -17.29 27.53
C ASN C 213 32.82 -16.10 26.65
N VAL C 214 32.72 -14.93 27.26
CA VAL C 214 32.36 -13.69 26.50
C VAL C 214 33.63 -12.88 26.25
N ASN C 215 33.82 -12.49 25.00
CA ASN C 215 34.94 -11.59 24.62
C ASN C 215 34.41 -10.42 23.81
N HIS C 216 34.65 -9.21 24.32
CA HIS C 216 34.43 -7.91 23.61
C HIS C 216 35.77 -7.18 23.54
N LYS C 217 36.51 -7.40 22.47
CA LYS C 217 37.93 -6.94 22.32
C LYS C 217 38.01 -5.44 22.56
N PRO C 218 37.23 -4.61 21.82
CA PRO C 218 37.46 -3.16 21.80
C PRO C 218 37.46 -2.54 23.20
N SER C 219 36.77 -3.15 24.18
CA SER C 219 36.74 -2.72 25.60
C SER C 219 37.65 -3.60 26.46
N ASN C 220 38.28 -4.60 25.86
CA ASN C 220 39.08 -5.65 26.56
C ASN C 220 38.26 -6.19 27.72
N THR C 221 37.01 -6.59 27.43
CA THR C 221 36.09 -7.30 28.36
C THR C 221 36.20 -8.79 28.03
N LYS C 222 36.81 -9.56 28.92
CA LYS C 222 36.92 -11.03 28.79
C LYS C 222 36.34 -11.61 30.06
N VAL C 223 35.20 -12.29 29.96
CA VAL C 223 34.44 -12.77 31.15
C VAL C 223 33.96 -14.18 30.88
N ASP C 224 34.17 -15.05 31.86
CA ASP C 224 33.67 -16.45 31.84
C ASP C 224 32.62 -16.52 32.93
N LYS C 225 31.34 -16.55 32.56
CA LYS C 225 30.25 -16.49 33.54
C LYS C 225 29.74 -17.93 33.73
N ARG C 226 29.69 -18.38 34.97
CA ARG C 226 29.17 -19.71 35.34
C ARG C 226 27.66 -19.57 35.44
N VAL C 227 26.92 -20.51 34.83
CA VAL C 227 25.43 -20.53 34.84
C VAL C 227 24.95 -21.69 35.72
N GLU C 228 24.39 -21.36 36.89
CA GLU C 228 23.94 -22.26 37.99
C GLU C 228 22.46 -22.53 37.78
N PRO C 229 21.93 -23.76 38.03
CA PRO C 229 20.48 -23.94 38.20
C PRO C 229 19.90 -23.04 39.31
N LYS C 230 18.61 -22.70 39.21
CA LYS C 230 17.95 -21.61 39.99
C LYS C 230 18.16 -21.82 41.50
N GLN D 1 -9.15 7.23 11.51
CA GLN D 1 -8.89 6.13 10.52
CA GLN D 1 -9.16 6.26 10.40
C GLN D 1 -8.24 6.72 9.27
N SER D 2 -7.19 7.51 9.52
CA SER D 2 -6.28 8.08 8.49
C SER D 2 -5.03 7.18 8.32
N VAL D 3 -5.22 5.86 8.34
CA VAL D 3 -4.17 4.82 8.12
C VAL D 3 -4.67 3.88 7.01
N VAL D 4 -3.74 3.13 6.43
CA VAL D 4 -4.05 1.90 5.66
C VAL D 4 -3.32 0.73 6.32
N THR D 5 -3.98 -0.42 6.44
CA THR D 5 -3.42 -1.60 7.12
C THR D 5 -3.30 -2.76 6.14
N GLN D 6 -2.29 -3.56 6.37
CA GLN D 6 -1.94 -4.79 5.62
C GLN D 6 -1.61 -5.85 6.64
N PRO D 7 -1.83 -7.17 6.36
CA PRO D 7 -1.32 -8.24 7.20
C PRO D 7 0.21 -8.28 7.13
N PRO D 8 0.92 -8.62 8.22
CA PRO D 8 2.38 -8.53 8.20
C PRO D 8 3.06 -9.59 7.33
N SER D 9 2.39 -10.69 7.02
CA SER D 9 3.03 -11.84 6.33
C SER D 9 2.00 -12.58 5.51
N VAL D 10 2.43 -13.06 4.35
N VAL D 10 2.46 -13.16 4.40
CA VAL D 10 1.64 -13.99 3.50
CA VAL D 10 1.63 -13.98 3.48
C VAL D 10 2.66 -15.02 3.01
C VAL D 10 2.60 -14.96 2.81
N SER D 11 2.17 -16.22 2.71
CA SER D 11 2.96 -17.40 2.31
C SER D 11 2.29 -18.03 1.08
N GLY D 12 3.06 -18.45 0.08
CA GLY D 12 2.62 -19.44 -0.91
C GLY D 12 3.76 -20.26 -1.50
N ALA D 13 3.43 -21.44 -2.02
CA ALA D 13 4.34 -22.35 -2.75
C ALA D 13 4.49 -21.86 -4.17
N PRO D 14 5.63 -22.17 -4.82
CA PRO D 14 5.81 -21.78 -6.21
C PRO D 14 4.61 -22.29 -7.02
N GLY D 15 4.18 -21.47 -7.97
CA GLY D 15 3.06 -21.78 -8.89
C GLY D 15 1.70 -21.44 -8.30
N GLN D 16 1.60 -21.19 -7.00
CA GLN D 16 0.29 -20.87 -6.38
C GLN D 16 -0.02 -19.37 -6.50
N ARG D 17 -1.22 -19.00 -6.08
CA ARG D 17 -1.74 -17.60 -6.13
C ARG D 17 -2.01 -17.16 -4.68
N VAL D 18 -1.69 -15.91 -4.37
CA VAL D 18 -1.91 -15.32 -3.02
C VAL D 18 -2.46 -13.92 -3.23
N THR D 19 -3.13 -13.40 -2.20
CA THR D 19 -3.68 -12.02 -2.19
C THR D 19 -3.20 -11.30 -0.94
N ILE D 20 -3.02 -9.98 -1.06
CA ILE D 20 -2.68 -9.08 0.07
C ILE D 20 -3.70 -7.93 0.03
N SER D 21 -4.41 -7.75 1.14
CA SER D 21 -5.47 -6.74 1.33
C SER D 21 -4.82 -5.46 1.86
N CYS D 22 -5.26 -4.33 1.33
CA CYS D 22 -4.96 -2.98 1.85
C CYS D 22 -6.27 -2.43 2.39
N THR D 23 -6.41 -2.33 3.69
CA THR D 23 -7.66 -1.88 4.35
C THR D 23 -7.54 -0.40 4.73
N GLY D 24 -8.31 0.47 4.08
CA GLY D 24 -8.33 1.92 4.37
C GLY D 24 -9.68 2.36 4.86
N SER D 25 -10.03 3.60 4.65
CA SER D 25 -11.20 4.26 5.29
C SER D 25 -11.89 5.22 4.31
N SER D 26 -12.92 5.90 4.82
CA SER D 26 -13.65 6.97 4.09
C SER D 26 -12.74 8.18 3.82
N SER D 27 -11.59 8.28 4.46
CA SER D 27 -10.70 9.47 4.33
C SER D 27 -9.57 9.17 3.31
N ASN D 28 -9.46 7.96 2.77
CA ASN D 28 -8.36 7.67 1.80
C ASN D 28 -8.90 6.86 0.62
N ILE D 29 -8.98 5.52 0.72
CA ILE D 29 -9.39 4.69 -0.45
C ILE D 29 -10.86 5.00 -0.77
N GLY D 30 -11.65 5.21 0.28
CA GLY D 30 -13.09 5.51 0.15
C GLY D 30 -13.35 6.95 -0.28
N ALA D 31 -12.34 7.83 -0.31
CA ALA D 31 -12.48 9.26 -0.72
C ALA D 31 -12.10 9.42 -2.19
N GLY D 32 -11.89 8.32 -2.91
CA GLY D 32 -11.66 8.37 -4.36
C GLY D 32 -10.19 8.32 -4.68
N TYR D 33 -9.34 8.15 -3.68
CA TYR D 33 -7.87 8.04 -3.88
C TYR D 33 -7.53 6.58 -4.24
N ASP D 34 -6.53 6.42 -5.09
CA ASP D 34 -6.13 5.10 -5.66
C ASP D 34 -5.05 4.49 -4.75
N VAL D 35 -4.88 3.19 -4.88
CA VAL D 35 -3.86 2.38 -4.15
C VAL D 35 -2.76 2.04 -5.14
N HIS D 36 -1.53 2.27 -4.71
CA HIS D 36 -0.31 1.84 -5.40
C HIS D 36 0.33 0.78 -4.51
N TRP D 37 1.07 -0.12 -5.15
CA TRP D 37 1.80 -1.20 -4.48
C TRP D 37 3.27 -1.07 -4.85
N TYR D 38 4.14 -1.25 -3.86
CA TYR D 38 5.60 -1.19 -4.01
C TYR D 38 6.21 -2.52 -3.56
N GLN D 39 7.14 -3.04 -4.38
CA GLN D 39 7.85 -4.30 -4.15
C GLN D 39 9.25 -3.94 -3.69
N GLN D 40 9.68 -4.52 -2.57
CA GLN D 40 11.05 -4.31 -2.02
C GLN D 40 11.69 -5.67 -1.84
N LEU D 41 12.53 -6.06 -2.80
CA LEU D 41 13.37 -7.29 -2.74
C LEU D 41 14.38 -7.07 -1.63
N PRO D 42 14.83 -8.16 -0.97
CA PRO D 42 15.86 -8.06 0.08
C PRO D 42 17.00 -7.15 -0.35
N GLY D 43 17.29 -6.11 0.43
CA GLY D 43 18.48 -5.26 0.26
C GLY D 43 18.40 -4.30 -0.91
N THR D 44 17.22 -4.02 -1.47
CA THR D 44 17.00 -3.07 -2.60
C THR D 44 16.11 -1.91 -2.15
N ALA D 45 16.10 -0.82 -2.91
CA ALA D 45 15.12 0.30 -2.80
C ALA D 45 13.77 -0.22 -3.26
N PRO D 46 12.66 0.33 -2.72
CA PRO D 46 11.31 0.00 -3.21
C PRO D 46 11.16 0.37 -4.69
N LYS D 47 10.35 -0.41 -5.41
CA LYS D 47 9.95 -0.08 -6.79
C LYS D 47 8.44 -0.20 -6.94
N LEU D 48 7.90 0.64 -7.79
CA LEU D 48 6.45 0.68 -8.10
C LEU D 48 6.10 -0.61 -8.82
N LEU D 49 5.13 -1.30 -8.26
CA LEU D 49 4.67 -2.60 -8.78
C LEU D 49 3.31 -2.41 -9.46
N ILE D 50 2.38 -1.75 -8.79
CA ILE D 50 1.01 -1.48 -9.32
C ILE D 50 0.68 -0.03 -9.03
N TYR D 51 0.15 0.72 -9.99
CA TYR D 51 -0.32 2.12 -9.76
C TYR D 51 -1.78 2.23 -10.16
N GLY D 52 -2.50 3.11 -9.49
CA GLY D 52 -3.90 3.39 -9.82
C GLY D 52 -4.73 2.15 -9.67
N ASN D 53 -4.43 1.35 -8.65
CA ASN D 53 -5.18 0.15 -8.18
C ASN D 53 -4.88 -1.09 -9.05
N SER D 54 -4.71 -0.95 -10.38
CA SER D 54 -4.70 -2.11 -11.32
C SER D 54 -3.70 -1.96 -12.46
N ASN D 55 -2.98 -0.86 -12.58
CA ASN D 55 -2.05 -0.67 -13.72
C ASN D 55 -0.65 -1.24 -13.42
N ARG D 56 -0.05 -1.93 -14.39
CA ARG D 56 1.37 -2.41 -14.30
C ARG D 56 2.27 -1.46 -15.06
N PRO D 57 3.34 -0.90 -14.44
CA PRO D 57 4.32 -0.12 -15.18
C PRO D 57 5.11 -1.07 -16.10
N SER D 58 5.95 -0.53 -16.99
CA SER D 58 6.83 -1.31 -17.91
C SER D 58 7.73 -2.22 -17.10
N GLY D 59 7.80 -3.49 -17.49
CA GLY D 59 8.72 -4.48 -16.87
C GLY D 59 8.08 -5.16 -15.67
N VAL D 60 6.80 -4.89 -15.35
CA VAL D 60 6.03 -5.69 -14.35
C VAL D 60 5.10 -6.64 -15.10
N PRO D 61 5.27 -7.96 -14.89
CA PRO D 61 4.51 -8.97 -15.64
C PRO D 61 3.05 -9.13 -15.23
N ASP D 62 2.29 -9.74 -16.15
CA ASP D 62 0.81 -9.87 -16.21
C ASP D 62 0.29 -10.56 -14.94
N ARG D 63 1.11 -11.34 -14.23
CA ARG D 63 0.64 -12.21 -13.12
C ARG D 63 0.47 -11.43 -11.81
N PHE D 64 0.96 -10.19 -11.72
CA PHE D 64 0.55 -9.19 -10.70
C PHE D 64 -0.68 -8.46 -11.24
N SER D 65 -1.72 -8.40 -10.42
CA SER D 65 -2.93 -7.61 -10.75
C SER D 65 -3.45 -6.97 -9.47
N GLY D 66 -4.37 -6.03 -9.60
CA GLY D 66 -4.93 -5.35 -8.44
C GLY D 66 -6.34 -4.87 -8.69
N SER D 67 -7.08 -4.68 -7.62
CA SER D 67 -8.43 -4.10 -7.68
C SER D 67 -8.69 -3.28 -6.43
N LYS D 68 -9.71 -2.42 -6.53
CA LYS D 68 -10.26 -1.60 -5.44
C LYS D 68 -11.73 -1.94 -5.24
N SER D 69 -12.20 -1.96 -3.99
CA SER D 69 -13.63 -2.11 -3.65
C SER D 69 -13.92 -1.36 -2.35
N GLY D 70 -14.84 -0.40 -2.37
CA GLY D 70 -15.20 0.45 -1.21
C GLY D 70 -14.00 1.12 -0.55
N THR D 71 -13.64 0.67 0.65
CA THR D 71 -12.57 1.24 1.50
C THR D 71 -11.31 0.36 1.46
N SER D 72 -11.24 -0.62 0.55
CA SER D 72 -10.12 -1.60 0.49
C SER D 72 -9.66 -1.79 -0.95
N ALA D 73 -8.47 -2.33 -1.08
CA ALA D 73 -7.91 -2.78 -2.36
C ALA D 73 -7.12 -4.05 -2.10
N SER D 74 -6.81 -4.77 -3.17
CA SER D 74 -6.17 -6.10 -3.11
C SER D 74 -5.11 -6.20 -4.18
N LEU D 75 -4.01 -6.84 -3.83
CA LEU D 75 -2.96 -7.25 -4.78
C LEU D 75 -3.13 -8.75 -5.00
N ALA D 76 -3.09 -9.23 -6.24
CA ALA D 76 -3.13 -10.68 -6.54
C ALA D 76 -1.87 -11.04 -7.32
N ILE D 77 -1.21 -12.11 -6.89
CA ILE D 77 0.00 -12.70 -7.52
C ILE D 77 -0.33 -14.17 -7.79
N THR D 78 -0.41 -14.52 -9.06
CA THR D 78 -0.56 -15.92 -9.52
CA THR D 78 -0.57 -15.91 -9.55
C THR D 78 0.82 -16.42 -9.94
N GLY D 79 0.99 -17.73 -10.05
CA GLY D 79 2.26 -18.30 -10.53
C GLY D 79 3.44 -17.83 -9.72
N LEU D 80 3.32 -17.83 -8.38
CA LEU D 80 4.43 -17.36 -7.52
C LEU D 80 5.75 -17.97 -7.99
N GLN D 81 6.80 -17.17 -8.09
CA GLN D 81 8.20 -17.65 -8.25
C GLN D 81 9.01 -17.08 -7.09
N ALA D 82 10.15 -17.72 -6.83
CA ALA D 82 11.11 -17.38 -5.77
C ALA D 82 11.52 -15.89 -5.87
N GLU D 83 11.69 -15.33 -7.06
CA GLU D 83 12.14 -13.90 -7.18
C GLU D 83 11.02 -12.95 -6.70
N ASP D 84 9.82 -13.44 -6.39
CA ASP D 84 8.70 -12.60 -5.87
C ASP D 84 8.82 -12.47 -4.34
N GLU D 85 9.71 -13.23 -3.70
CA GLU D 85 9.91 -13.13 -2.24
C GLU D 85 10.45 -11.73 -1.95
N ALA D 86 9.73 -10.97 -1.14
CA ALA D 86 9.92 -9.52 -1.04
C ALA D 86 8.94 -8.96 0.00
N ASP D 87 9.14 -7.71 0.41
CA ASP D 87 8.12 -6.98 1.18
C ASP D 87 7.27 -6.13 0.23
N TYR D 88 5.95 -6.16 0.41
CA TYR D 88 4.98 -5.46 -0.45
C TYR D 88 4.34 -4.35 0.40
N TYR D 89 4.44 -3.11 -0.05
CA TYR D 89 3.74 -1.96 0.61
C TYR D 89 2.59 -1.46 -0.28
N CYS D 90 1.40 -1.30 0.30
CA CYS D 90 0.33 -0.50 -0.31
C CYS D 90 0.51 0.96 0.13
N GLN D 91 -0.02 1.89 -0.67
CA GLN D 91 0.04 3.35 -0.44
C GLN D 91 -1.24 3.98 -0.99
N SER D 92 -1.81 4.94 -0.27
CA SER D 92 -2.90 5.80 -0.80
C SER D 92 -2.64 7.22 -0.35
N TYR D 93 -3.57 8.11 -0.62
CA TYR D 93 -3.56 9.49 -0.09
C TYR D 93 -4.78 9.65 0.78
N ASP D 94 -4.61 10.44 1.83
CA ASP D 94 -5.62 10.65 2.88
C ASP D 94 -5.90 12.15 2.92
N SER D 95 -7.14 12.56 2.57
CA SER D 95 -7.56 13.97 2.54
C SER D 95 -7.83 14.53 3.95
N SER D 96 -7.95 13.69 4.97
N SER D 96 -7.92 13.70 4.99
CA SER D 96 -8.07 14.16 6.40
CA SER D 96 -8.05 14.19 6.39
C SER D 96 -6.69 14.59 6.92
C SER D 96 -6.68 14.60 6.93
N LEU D 97 -5.60 13.97 6.45
CA LEU D 97 -4.21 14.35 6.82
C LEU D 97 -3.58 15.27 5.75
N SER D 98 -4.17 15.33 4.55
CA SER D 98 -3.55 16.03 3.40
C SER D 98 -2.14 15.48 3.20
N GLY D 99 -2.00 14.16 3.19
CA GLY D 99 -0.71 13.52 2.89
C GLY D 99 -0.86 12.08 2.44
N TRP D 100 0.24 11.45 2.06
CA TRP D 100 0.21 10.04 1.61
C TRP D 100 0.44 9.13 2.81
N VAL D 101 -0.07 7.91 2.71
CA VAL D 101 -0.02 6.90 3.80
C VAL D 101 0.38 5.58 3.15
N PHE D 102 1.40 4.94 3.72
CA PHE D 102 1.78 3.55 3.41
C PHE D 102 1.10 2.62 4.38
N GLY D 103 0.73 1.43 3.94
CA GLY D 103 0.44 0.32 4.88
C GLY D 103 1.70 -0.11 5.58
N GLY D 104 1.58 -0.91 6.65
CA GLY D 104 2.71 -1.41 7.45
C GLY D 104 3.67 -2.31 6.67
N GLY D 105 3.26 -2.83 5.54
CA GLY D 105 4.04 -3.80 4.76
C GLY D 105 3.62 -5.25 5.04
N THR D 106 3.83 -6.10 4.07
CA THR D 106 3.48 -7.55 4.15
C THR D 106 4.71 -8.27 3.61
N LYS D 107 5.34 -9.12 4.43
N LYS D 107 5.33 -9.15 4.41
CA LYS D 107 6.43 -10.01 3.97
CA LYS D 107 6.46 -10.00 3.97
C LYS D 107 5.79 -11.16 3.19
C LYS D 107 5.91 -11.22 3.23
N LEU D 108 6.17 -11.32 1.92
CA LEU D 108 5.71 -12.47 1.11
C LEU D 108 6.82 -13.50 1.12
N THR D 109 6.55 -14.68 1.66
CA THR D 109 7.47 -15.84 1.55
C THR D 109 6.96 -16.80 0.48
N VAL D 110 7.84 -17.16 -0.46
CA VAL D 110 7.63 -18.25 -1.44
C VAL D 110 8.26 -19.50 -0.83
N LEU D 111 7.41 -20.44 -0.39
CA LEU D 111 7.79 -21.56 0.51
C LEU D 111 8.86 -22.39 -0.20
N GLY D 112 10.06 -22.49 0.38
CA GLY D 112 11.19 -23.24 -0.20
C GLY D 112 11.55 -24.43 0.68
N GLN D 113 10.71 -24.68 1.68
CA GLN D 113 10.85 -25.72 2.73
C GLN D 113 9.53 -25.73 3.48
N PRO D 114 9.21 -26.80 4.22
CA PRO D 114 7.94 -26.85 4.95
C PRO D 114 7.90 -25.78 6.05
N LYS D 115 6.69 -25.30 6.38
CA LYS D 115 6.42 -24.35 7.48
C LYS D 115 6.86 -24.99 8.78
N ALA D 116 7.50 -24.22 9.67
CA ALA D 116 8.01 -24.69 10.98
C ALA D 116 7.61 -23.67 12.06
N ALA D 117 6.78 -24.08 13.03
CA ALA D 117 6.36 -23.23 14.17
C ALA D 117 7.56 -22.94 15.08
N PRO D 118 7.65 -21.73 15.67
CA PRO D 118 8.82 -21.35 16.48
C PRO D 118 8.98 -22.06 17.83
N SER D 119 10.22 -22.28 18.25
CA SER D 119 10.54 -22.62 19.66
C SER D 119 10.71 -21.31 20.43
N VAL D 120 10.05 -21.21 21.59
CA VAL D 120 10.05 -19.99 22.43
C VAL D 120 10.55 -20.36 23.83
N THR D 121 11.55 -19.63 24.28
CA THR D 121 12.09 -19.69 25.67
C THR D 121 12.06 -18.28 26.28
N LEU D 122 11.48 -18.15 27.47
CA LEU D 122 11.40 -16.87 28.17
C LEU D 122 12.19 -16.98 29.47
N PHE D 123 13.15 -16.09 29.67
CA PHE D 123 13.98 -16.03 30.89
C PHE D 123 13.59 -14.79 31.68
N PRO D 124 13.46 -14.91 33.03
CA PRO D 124 13.27 -13.73 33.87
C PRO D 124 14.59 -13.01 34.08
N PRO D 125 14.56 -11.83 34.76
CA PRO D 125 15.78 -11.12 35.10
C PRO D 125 16.68 -11.98 36.02
N SER D 126 17.99 -11.97 35.83
CA SER D 126 18.93 -12.64 36.77
C SER D 126 18.99 -11.88 38.10
N SER D 127 19.31 -12.60 39.17
CA SER D 127 19.63 -12.01 40.50
C SER D 127 20.71 -10.95 40.36
N GLU D 128 21.73 -11.24 39.55
CA GLU D 128 22.89 -10.35 39.35
CA GLU D 128 22.90 -10.35 39.33
C GLU D 128 22.44 -9.02 38.72
N GLU D 129 21.54 -9.08 37.74
CA GLU D 129 21.04 -7.87 37.05
C GLU D 129 20.17 -7.03 38.01
N LEU D 130 19.25 -7.64 38.74
CA LEU D 130 18.39 -6.90 39.71
C LEU D 130 19.29 -6.19 40.75
N GLN D 131 20.34 -6.87 41.20
CA GLN D 131 21.41 -6.33 42.10
C GLN D 131 22.02 -5.06 41.50
N ALA D 132 22.04 -4.90 40.17
CA ALA D 132 22.49 -3.66 39.52
C ALA D 132 21.31 -2.75 39.17
N ASN D 133 20.17 -2.83 39.87
CA ASN D 133 18.95 -2.00 39.69
C ASN D 133 18.54 -1.95 38.21
N LYS D 134 18.54 -3.11 37.56
CA LYS D 134 18.03 -3.25 36.18
C LYS D 134 17.29 -4.59 36.05
N ALA D 135 16.49 -4.76 35.00
CA ALA D 135 15.69 -5.99 34.85
C ALA D 135 15.42 -6.16 33.37
N THR D 136 15.81 -7.30 32.79
CA THR D 136 15.57 -7.63 31.37
C THR D 136 14.87 -8.99 31.32
N LEU D 137 13.68 -9.07 30.71
CA LEU D 137 13.06 -10.33 30.27
C LEU D 137 13.58 -10.63 28.87
N VAL D 138 13.99 -11.88 28.64
CA VAL D 138 14.55 -12.34 27.33
C VAL D 138 13.66 -13.46 26.76
N CYS D 139 13.04 -13.15 25.64
CA CYS D 139 12.20 -14.06 24.87
C CYS D 139 12.95 -14.45 23.59
N LEU D 140 13.37 -15.71 23.48
CA LEU D 140 14.20 -16.22 22.36
C LEU D 140 13.33 -17.11 21.49
N ILE D 141 13.42 -16.89 20.20
CA ILE D 141 12.45 -17.45 19.23
C ILE D 141 13.29 -18.07 18.10
N SER D 142 13.15 -19.37 17.82
CA SER D 142 14.08 -20.09 16.93
C SER D 142 13.34 -21.09 16.03
N ASP D 143 14.01 -21.47 14.95
CA ASP D 143 13.63 -22.61 14.06
C ASP D 143 12.23 -22.36 13.51
N PHE D 144 11.93 -21.11 13.17
CA PHE D 144 10.61 -20.81 12.54
C PHE D 144 10.81 -20.59 11.04
N TYR D 145 9.78 -20.93 10.29
CA TYR D 145 9.71 -20.72 8.81
C TYR D 145 8.23 -20.73 8.45
N PRO D 146 7.70 -19.74 7.72
CA PRO D 146 8.46 -18.58 7.22
C PRO D 146 9.09 -17.64 8.26
N GLY D 147 9.94 -16.74 7.77
CA GLY D 147 10.80 -15.84 8.57
C GLY D 147 10.06 -14.60 9.02
N ALA D 148 8.92 -14.76 9.69
CA ALA D 148 8.11 -13.62 10.12
C ALA D 148 7.36 -14.01 11.37
N VAL D 149 7.36 -13.10 12.31
CA VAL D 149 6.79 -13.39 13.64
C VAL D 149 6.25 -12.08 14.21
N THR D 150 5.20 -12.13 15.01
CA THR D 150 4.73 -10.97 15.78
C THR D 150 4.90 -11.28 17.26
N VAL D 151 5.45 -10.35 18.04
CA VAL D 151 5.70 -10.60 19.48
C VAL D 151 4.83 -9.64 20.27
N ALA D 152 4.02 -10.15 21.19
CA ALA D 152 3.26 -9.30 22.13
C ALA D 152 3.71 -9.60 23.56
N TRP D 153 3.91 -8.58 24.38
CA TRP D 153 4.21 -8.76 25.82
C TRP D 153 3.00 -8.35 26.65
N LYS D 154 2.84 -9.04 27.78
CA LYS D 154 1.74 -8.75 28.73
C LYS D 154 2.38 -8.62 30.10
N ALA D 155 1.91 -7.67 30.91
CA ALA D 155 2.19 -7.64 32.36
C ALA D 155 0.86 -7.92 33.04
N ASP D 156 0.77 -9.07 33.74
CA ASP D 156 -0.53 -9.67 34.15
C ASP D 156 -1.35 -9.81 32.87
N SER D 157 -2.47 -9.10 32.72
CA SER D 157 -3.32 -9.21 31.52
C SER D 157 -3.20 -7.99 30.59
N SER D 158 -2.31 -7.05 30.90
CA SER D 158 -2.25 -5.76 30.17
C SER D 158 -1.14 -5.78 29.13
N PRO D 159 -1.41 -5.31 27.89
CA PRO D 159 -0.38 -5.26 26.86
C PRO D 159 0.67 -4.20 27.19
N VAL D 160 1.94 -4.51 26.91
CA VAL D 160 3.07 -3.58 27.12
C VAL D 160 3.88 -3.54 25.84
N LYS D 161 4.22 -2.34 25.38
CA LYS D 161 5.10 -2.05 24.24
C LYS D 161 6.29 -1.20 24.69
N ALA D 162 6.15 -0.37 25.73
CA ALA D 162 7.25 0.46 26.27
C ALA D 162 8.38 -0.44 26.80
N GLY D 163 9.61 -0.22 26.33
CA GLY D 163 10.82 -0.93 26.78
C GLY D 163 10.96 -2.27 26.08
N VAL D 164 10.20 -2.48 25.00
CA VAL D 164 10.32 -3.72 24.19
C VAL D 164 11.22 -3.43 23.00
N GLU D 165 12.27 -4.21 22.77
CA GLU D 165 13.11 -4.14 21.56
C GLU D 165 13.18 -5.56 20.99
N THR D 166 12.77 -5.75 19.74
CA THR D 166 12.66 -7.04 19.05
C THR D 166 13.56 -6.99 17.82
N THR D 167 14.35 -8.01 17.56
CA THR D 167 15.21 -8.05 16.35
C THR D 167 14.35 -8.46 15.16
N THR D 168 14.81 -8.09 13.97
N THR D 168 14.81 -8.09 13.96
CA THR D 168 14.34 -8.64 12.68
CA THR D 168 14.34 -8.58 12.65
C THR D 168 14.68 -10.12 12.70
C THR D 168 14.73 -10.07 12.58
N PRO D 169 13.87 -10.98 12.06
CA PRO D 169 14.26 -12.37 11.92
C PRO D 169 15.53 -12.46 11.06
N SER D 170 16.42 -13.36 11.50
CA SER D 170 17.74 -13.67 10.89
CA SER D 170 17.71 -13.65 10.85
C SER D 170 17.73 -15.15 10.53
N LYS D 171 18.22 -15.46 9.33
CA LYS D 171 18.29 -16.83 8.79
C LYS D 171 19.38 -17.60 9.56
N GLN D 172 19.02 -18.73 10.17
CA GLN D 172 19.96 -19.63 10.89
C GLN D 172 20.74 -20.48 9.86
N SER D 173 21.82 -21.14 10.29
CA SER D 173 22.64 -22.07 9.45
C SER D 173 21.71 -23.09 8.77
N ASN D 174 20.69 -23.59 9.48
CA ASN D 174 19.77 -24.66 9.01
C ASN D 174 18.63 -24.10 8.14
N ASN D 175 18.70 -22.84 7.71
CA ASN D 175 17.76 -22.18 6.74
C ASN D 175 16.42 -21.76 7.37
N LYS D 176 16.17 -22.01 8.66
CA LYS D 176 14.99 -21.47 9.41
C LYS D 176 15.33 -20.12 10.03
N TYR D 177 14.46 -19.54 10.86
CA TYR D 177 14.68 -18.14 11.28
C TYR D 177 14.73 -18.07 12.81
N ALA D 178 15.40 -17.03 13.29
CA ALA D 178 15.72 -16.76 14.71
C ALA D 178 15.38 -15.31 14.99
N ALA D 179 14.75 -15.03 16.13
CA ALA D 179 14.54 -13.64 16.59
C ALA D 179 14.64 -13.61 18.11
N SER D 180 14.88 -12.45 18.65
CA SER D 180 14.86 -12.22 20.11
C SER D 180 14.06 -10.96 20.41
N SER D 181 13.35 -10.99 21.53
CA SER D 181 12.64 -9.80 22.04
C SER D 181 13.05 -9.62 23.49
N TYR D 182 13.30 -8.37 23.85
CA TYR D 182 13.82 -7.91 25.16
C TYR D 182 12.83 -6.91 25.75
N LEU D 183 12.36 -7.18 26.96
CA LEU D 183 11.52 -6.21 27.69
C LEU D 183 12.36 -5.67 28.86
N SER D 184 12.72 -4.38 28.82
CA SER D 184 13.44 -3.64 29.89
C SER D 184 12.39 -3.07 30.85
N LEU D 185 12.59 -3.33 32.14
CA LEU D 185 11.70 -3.01 33.27
C LEU D 185 12.59 -2.43 34.34
N THR D 186 12.01 -1.73 35.31
CA THR D 186 12.65 -1.44 36.62
C THR D 186 12.48 -2.69 37.47
N PRO D 187 13.35 -2.97 38.48
CA PRO D 187 13.07 -4.00 39.47
C PRO D 187 11.67 -3.86 40.11
N GLU D 188 11.24 -2.63 40.38
CA GLU D 188 9.92 -2.39 41.02
C GLU D 188 8.82 -2.89 40.08
N GLN D 189 8.91 -2.57 38.78
CA GLN D 189 7.89 -2.99 37.79
C GLN D 189 7.80 -4.53 37.80
N TRP D 190 8.95 -5.18 37.86
CA TRP D 190 9.05 -6.67 37.79
C TRP D 190 8.40 -7.27 39.01
N LYS D 191 8.79 -6.79 40.20
CA LYS D 191 8.25 -7.24 41.51
C LYS D 191 6.78 -6.85 41.64
N SER D 192 6.34 -5.78 40.99
CA SER D 192 4.96 -5.23 41.20
C SER D 192 3.88 -6.07 40.51
N HIS D 193 4.20 -6.99 39.60
CA HIS D 193 3.17 -7.76 38.85
C HIS D 193 3.20 -9.22 39.31
N ARG D 194 2.10 -9.94 39.15
CA ARG D 194 2.04 -11.40 39.41
C ARG D 194 2.81 -12.16 38.30
N SER D 195 2.75 -11.70 37.04
CA SER D 195 3.40 -12.42 35.91
C SER D 195 3.65 -11.52 34.69
N TYR D 196 4.66 -11.87 33.88
CA TYR D 196 4.89 -11.30 32.53
C TYR D 196 4.80 -12.42 31.50
N SER D 197 4.30 -12.13 30.30
CA SER D 197 4.16 -13.11 29.22
C SER D 197 4.81 -12.59 27.94
N CYS D 198 5.44 -13.52 27.24
CA CYS D 198 5.89 -13.32 25.84
C CYS D 198 5.01 -14.20 24.95
N GLN D 199 4.27 -13.59 24.03
CA GLN D 199 3.34 -14.27 23.09
C GLN D 199 3.91 -14.10 21.68
N VAL D 200 4.21 -15.22 21.04
CA VAL D 200 4.74 -15.22 19.66
C VAL D 200 3.67 -15.76 18.70
N THR D 201 3.26 -14.93 17.76
CA THR D 201 2.32 -15.31 16.66
C THR D 201 3.13 -15.61 15.41
N HIS D 202 2.95 -16.81 14.88
CA HIS D 202 3.54 -17.24 13.59
C HIS D 202 2.44 -17.90 12.77
N GLU D 203 2.29 -17.44 11.52
CA GLU D 203 1.27 -17.95 10.55
C GLU D 203 -0.08 -18.04 11.26
N GLY D 204 -0.48 -17.00 12.00
CA GLY D 204 -1.79 -16.94 12.69
C GLY D 204 -1.92 -17.85 13.92
N SER D 205 -0.89 -18.60 14.32
CA SER D 205 -0.91 -19.43 15.56
C SER D 205 0.01 -18.82 16.64
N THR D 206 -0.37 -18.92 17.92
CA THR D 206 0.33 -18.26 19.04
C THR D 206 0.91 -19.28 20.04
N VAL D 207 2.19 -19.09 20.41
CA VAL D 207 2.83 -19.71 21.61
C VAL D 207 3.06 -18.64 22.69
N GLU D 208 2.66 -18.93 23.92
CA GLU D 208 2.82 -18.04 25.11
C GLU D 208 3.69 -18.73 26.17
N LYS D 209 4.71 -18.01 26.64
CA LYS D 209 5.56 -18.37 27.81
C LYS D 209 5.35 -17.30 28.86
N THR D 210 5.30 -17.72 30.12
CA THR D 210 5.03 -16.83 31.26
C THR D 210 6.12 -17.04 32.29
N VAL D 211 6.56 -15.94 32.95
CA VAL D 211 7.45 -16.01 34.14
C VAL D 211 6.83 -15.15 35.25
N ALA D 212 7.18 -15.43 36.50
CA ALA D 212 6.62 -14.74 37.69
C ALA D 212 7.76 -14.42 38.62
N PRO D 213 7.77 -13.23 39.24
CA PRO D 213 8.79 -12.89 40.24
C PRO D 213 8.90 -13.93 41.37
N THR D 214 7.80 -14.63 41.64
CA THR D 214 7.57 -15.62 42.73
C THR D 214 8.31 -16.96 42.56
N GLU D 215 8.80 -17.31 41.36
CA GLU D 215 9.28 -18.69 41.01
C GLU D 215 10.74 -18.95 41.45
N CYS D 216 11.08 -20.21 41.78
CA CYS D 216 12.44 -20.69 42.13
C CYS D 216 12.68 -22.07 41.49
C1 GOL E . -18.49 5.55 -23.58
O1 GOL E . -18.55 6.09 -24.90
C2 GOL E . -19.12 6.53 -22.65
O2 GOL E . -19.08 6.03 -21.32
C3 GOL E . -18.49 7.90 -22.71
O3 GOL E . -18.96 8.71 -21.64
C1 GOL F . -16.84 4.95 -16.75
O1 GOL F . -16.37 3.61 -16.57
C2 GOL F . -18.26 4.93 -17.25
O2 GOL F . -19.00 4.00 -16.48
C3 GOL F . -18.96 6.27 -17.21
O3 GOL F . -20.24 6.16 -16.58
C1 GOL G . -24.66 7.08 -14.75
O1 GOL G . -25.69 6.46 -14.01
C2 GOL G . -24.24 6.19 -15.91
O2 GOL G . -22.84 5.94 -15.85
C3 GOL G . -25.00 4.87 -15.92
O3 GOL G . -24.65 4.05 -17.02
C1 GOL H . -14.55 -8.22 -5.42
O1 GOL H . -15.10 -8.43 -6.72
C2 GOL H . -13.07 -7.85 -5.49
O2 GOL H . -12.96 -6.46 -5.82
C3 GOL H . -12.35 -8.13 -4.20
O3 GOL H . -10.96 -7.81 -4.31
C1 GOL I . 9.11 -6.26 7.58
O1 GOL I . 8.53 -7.56 7.62
C2 GOL I . 8.13 -5.18 7.94
O2 GOL I . 8.19 -4.15 6.97
C3 GOL I . 6.70 -5.64 8.13
O3 GOL I . 6.18 -5.18 9.38
#